data_5RB7
#
_entry.id   5RB7
#
_cell.length_a   57.890
_cell.length_b   93.770
_cell.length_c   93.770
_cell.angle_alpha   90.000
_cell.angle_beta   107.940
_cell.angle_gamma   90.000
#
_symmetry.space_group_name_H-M   'P 1 21 1'
#
loop_
_entity.id
_entity.type
_entity.pdbx_description
1 polymer 'Lysine-specific demethylase 3B'
2 non-polymer (1R,3S)-N-[(2H-1,3-benzodioxol-5-yl)methyl]-3-methylcyclopentan-1-amine
3 non-polymer 'CHLORIDE ION'
4 non-polymer 'MANGANESE (II) ION'
5 water water
#
_entity_poly.entity_id   1
_entity_poly.type   'polypeptide(L)'
_entity_poly.pdbx_seq_one_letter_code
;MHHHHHHSSGVDLGTENLYFQSMTSHSWLCDGRLLCLHDPSNKNNWKIFRECWKQGQPVLVSGVHKKLKSELWKPEAFSQ
EFGDQDVDLVNCRNCAIISDVKVRDFWDGFEIICKRLRSEDGQPMVLKLKDWPPGEDFRDMMPTRFEDLMENLPLPEYTK
RDGRLNLASRLPSYFVRPDLGPKMYNAYGLITAEDRRVGTTNLHLDVSDAVNVMVYVGIPIGEGAHDEEVLKTIDEGDAD
EVTKERIHDHKEKPGALWHIYAAKDAEKIRELLRKVGEEQGQENPPDHDPIHDQSWYLDQTLRKRLYEEYGVQGWAIVQF
LGDAVFIPAGAPHQVHNLYSCIKVAEDFVSPEHVKHCFRLTQEFRHLSNTHT
;
_entity_poly.pdbx_strand_id   A,B
#
loop_
_chem_comp.id
_chem_comp.type
_chem_comp.name
_chem_comp.formula
CL non-polymer 'CHLORIDE ION' 'Cl -1'
MN non-polymer 'MANGANESE (II) ION' 'Mn 2'
S4D non-polymer (1R,3S)-N-[(2H-1,3-benzodioxol-5-yl)methyl]-3-methylcyclopentan-1-amine 'C14 H19 N O2'
#
# COMPACT_ATOMS: atom_id res chain seq x y z
N SER A 22 14.40 -33.85 35.89
CA SER A 22 13.57 -34.77 35.03
C SER A 22 12.99 -33.99 33.84
N MET A 23 12.92 -34.66 32.67
N MET A 23 12.89 -34.62 32.66
CA MET A 23 12.13 -34.21 31.49
CA MET A 23 12.27 -34.01 31.45
C MET A 23 10.72 -33.86 31.96
C MET A 23 10.75 -33.94 31.63
N THR A 24 10.20 -32.72 31.49
CA THR A 24 8.78 -32.37 31.75
C THR A 24 8.18 -31.77 30.48
N SER A 25 6.87 -31.79 30.40
CA SER A 25 6.10 -31.31 29.21
C SER A 25 6.29 -29.78 29.06
N HIS A 26 6.34 -29.02 30.14
CA HIS A 26 6.36 -27.54 30.13
C HIS A 26 6.79 -26.95 31.46
N SER A 27 6.90 -25.63 31.48
CA SER A 27 7.18 -24.79 32.66
C SER A 27 6.65 -23.39 32.39
N TRP A 28 6.86 -22.48 33.35
CA TRP A 28 6.29 -21.10 33.33
C TRP A 28 7.43 -20.09 33.43
N LEU A 29 7.35 -19.05 32.64
CA LEU A 29 8.24 -17.87 32.77
C LEU A 29 7.36 -16.67 33.08
N CYS A 30 7.97 -15.49 33.22
CA CYS A 30 7.23 -14.23 33.48
C CYS A 30 6.29 -14.40 34.69
N ASP A 31 6.80 -15.03 35.75
CA ASP A 31 6.06 -15.25 37.03
C ASP A 31 4.73 -15.99 36.79
N GLY A 32 4.69 -16.99 35.90
CA GLY A 32 3.47 -17.74 35.54
C GLY A 32 2.65 -17.20 34.39
N ARG A 33 2.99 -16.03 33.83
CA ARG A 33 2.21 -15.41 32.74
C ARG A 33 2.65 -15.90 31.34
N LEU A 34 3.73 -16.67 31.22
CA LEU A 34 4.23 -17.16 29.87
C LEU A 34 4.39 -18.69 29.91
N LEU A 35 3.65 -19.41 29.08
CA LEU A 35 3.85 -20.86 28.85
C LEU A 35 5.18 -21.12 28.13
N CYS A 36 6.01 -22.05 28.63
N CYS A 36 5.96 -22.09 28.61
CA CYS A 36 7.21 -22.58 27.96
CA CYS A 36 7.20 -22.61 27.98
C CYS A 36 7.09 -24.09 27.71
C CYS A 36 7.07 -24.11 27.72
N LEU A 37 6.81 -24.48 26.46
CA LEU A 37 6.73 -25.92 26.04
C LEU A 37 8.16 -26.45 25.83
N HIS A 38 8.44 -27.69 26.26
CA HIS A 38 9.86 -28.22 26.23
C HIS A 38 10.18 -29.13 25.04
N ASP A 39 9.20 -29.76 24.46
CA ASP A 39 9.36 -30.76 23.39
C ASP A 39 8.68 -30.21 22.15
N PRO A 40 9.44 -29.70 21.15
CA PRO A 40 8.80 -29.04 20.00
C PRO A 40 7.94 -29.95 19.12
N SER A 41 8.09 -31.28 19.15
CA SER A 41 7.36 -32.20 18.25
C SER A 41 6.35 -33.05 19.03
N ASN A 42 6.08 -32.75 20.31
CA ASN A 42 5.09 -33.49 21.12
C ASN A 42 3.67 -33.30 20.54
N LYS A 43 3.03 -34.41 20.14
CA LYS A 43 1.68 -34.43 19.52
C LYS A 43 0.60 -33.91 20.48
N ASN A 44 0.85 -33.83 21.79
CA ASN A 44 -0.14 -33.30 22.78
C ASN A 44 0.08 -31.81 23.13
N ASN A 45 1.00 -31.08 22.49
CA ASN A 45 1.29 -29.66 22.87
C ASN A 45 0.02 -28.78 22.73
N TRP A 46 -0.82 -29.05 21.73
CA TRP A 46 -2.02 -28.25 21.42
C TRP A 46 -2.91 -28.14 22.68
N LYS A 47 -2.95 -29.19 23.51
CA LYS A 47 -3.84 -29.25 24.71
C LYS A 47 -3.52 -28.15 25.74
N ILE A 48 -2.23 -27.87 25.97
CA ILE A 48 -1.64 -26.84 26.89
C ILE A 48 -1.64 -25.46 26.19
N PHE A 49 -1.28 -25.44 24.91
CA PHE A 49 -1.14 -24.23 24.08
C PHE A 49 -2.44 -23.46 23.91
N ARG A 50 -3.51 -24.20 23.58
N ARG A 50 -3.52 -24.16 23.56
CA ARG A 50 -4.79 -23.62 23.08
CA ARG A 50 -4.73 -23.46 23.03
C ARG A 50 -5.40 -22.69 24.13
C ARG A 50 -5.38 -22.62 24.15
N GLU A 51 -5.33 -23.06 25.41
CA GLU A 51 -5.90 -22.25 26.53
C GLU A 51 -5.17 -20.90 26.65
N CYS A 52 -3.83 -20.89 26.59
CA CYS A 52 -3.03 -19.66 26.77
C CYS A 52 -3.25 -18.76 25.53
N TRP A 53 -3.24 -19.36 24.37
CA TRP A 53 -3.37 -18.66 23.08
C TRP A 53 -4.72 -17.96 22.96
N LYS A 54 -5.79 -18.59 23.44
CA LYS A 54 -7.16 -18.00 23.35
C LYS A 54 -7.23 -16.74 24.23
N GLN A 55 -6.40 -16.63 25.27
CA GLN A 55 -6.37 -15.48 26.19
C GLN A 55 -5.49 -14.34 25.64
N GLY A 56 -4.87 -14.51 24.48
CA GLY A 56 -4.10 -13.42 23.84
C GLY A 56 -2.65 -13.41 24.28
N GLN A 57 -2.21 -14.47 24.98
CA GLN A 57 -0.80 -14.53 25.48
C GLN A 57 0.15 -14.96 24.38
N PRO A 58 1.41 -14.44 24.39
CA PRO A 58 2.50 -15.11 23.67
C PRO A 58 2.85 -16.46 24.32
N VAL A 59 3.59 -17.33 23.58
CA VAL A 59 4.02 -18.67 24.05
C VAL A 59 5.46 -18.89 23.57
N LEU A 60 6.27 -19.57 24.37
CA LEU A 60 7.66 -19.91 24.01
C LEU A 60 7.73 -21.44 23.82
N VAL A 61 8.44 -21.92 22.78
CA VAL A 61 8.73 -23.38 22.65
C VAL A 61 10.24 -23.59 22.52
N SER A 62 10.88 -24.30 23.44
CA SER A 62 12.36 -24.49 23.40
C SER A 62 12.75 -25.78 22.65
N GLY A 63 14.00 -25.83 22.16
CA GLY A 63 14.63 -27.04 21.61
C GLY A 63 14.55 -27.23 20.12
N VAL A 64 14.05 -26.28 19.32
CA VAL A 64 13.84 -26.46 17.87
C VAL A 64 15.21 -26.68 17.17
N HIS A 65 16.29 -26.10 17.69
CA HIS A 65 17.65 -26.25 17.08
C HIS A 65 18.05 -27.72 17.04
N LYS A 66 17.65 -28.51 18.02
CA LYS A 66 17.99 -29.97 18.05
C LYS A 66 17.29 -30.73 16.92
N LYS A 67 16.25 -30.18 16.28
CA LYS A 67 15.49 -30.80 15.18
C LYS A 67 16.08 -30.45 13.80
N LEU A 68 16.94 -29.44 13.70
CA LEU A 68 17.37 -28.83 12.42
C LEU A 68 18.74 -29.42 12.02
N LYS A 69 19.09 -29.30 10.76
CA LYS A 69 20.45 -29.61 10.23
C LYS A 69 21.34 -28.37 10.46
N SER A 70 22.16 -28.39 11.51
CA SER A 70 22.94 -27.23 12.01
C SER A 70 23.86 -26.66 10.92
N GLU A 71 24.35 -27.49 10.01
CA GLU A 71 25.27 -27.01 8.94
C GLU A 71 24.53 -26.07 7.94
N LEU A 72 23.19 -26.11 7.82
CA LEU A 72 22.41 -25.28 6.88
C LEU A 72 22.20 -23.84 7.44
N TRP A 73 22.54 -23.58 8.69
CA TRP A 73 22.16 -22.31 9.39
C TRP A 73 23.41 -21.55 9.84
N LYS A 74 24.58 -21.77 9.22
CA LYS A 74 25.87 -21.10 9.63
C LYS A 74 26.09 -19.84 8.78
N PRO A 75 26.59 -18.74 9.37
CA PRO A 75 26.89 -17.53 8.61
C PRO A 75 27.91 -17.72 7.47
N GLU A 76 28.93 -18.57 7.69
CA GLU A 76 29.98 -18.84 6.64
C GLU A 76 29.34 -19.50 5.40
N ALA A 77 28.35 -20.39 5.54
CA ALA A 77 27.64 -21.00 4.40
C ALA A 77 26.82 -19.97 3.62
N PHE A 78 26.11 -19.03 4.28
CA PHE A 78 25.30 -18.00 3.60
C PHE A 78 26.28 -17.13 2.78
N SER A 79 27.44 -16.82 3.35
CA SER A 79 28.42 -15.94 2.65
C SER A 79 28.97 -16.64 1.40
N GLN A 80 29.36 -17.92 1.52
CA GLN A 80 29.93 -18.75 0.42
C GLN A 80 28.90 -18.87 -0.72
N GLU A 81 27.63 -19.18 -0.41
CA GLU A 81 26.61 -19.53 -1.44
C GLU A 81 25.95 -18.29 -2.08
N PHE A 82 25.78 -17.20 -1.34
CA PHE A 82 24.96 -16.05 -1.77
C PHE A 82 25.74 -14.73 -1.74
N GLY A 83 27.05 -14.77 -1.43
CA GLY A 83 27.84 -13.56 -1.10
C GLY A 83 27.91 -12.50 -2.17
N ASP A 84 27.73 -12.86 -3.46
CA ASP A 84 27.76 -11.89 -4.60
C ASP A 84 26.44 -11.15 -4.85
N GLN A 85 25.37 -11.41 -4.08
CA GLN A 85 24.11 -10.65 -4.25
C GLN A 85 24.22 -9.22 -3.71
N ASP A 86 23.53 -8.28 -4.36
CA ASP A 86 23.45 -6.85 -3.97
C ASP A 86 22.31 -6.63 -2.94
N VAL A 87 22.57 -5.83 -1.90
CA VAL A 87 21.64 -5.64 -0.75
C VAL A 87 21.83 -4.26 -0.15
N ASP A 88 20.87 -3.82 0.67
CA ASP A 88 21.01 -2.63 1.52
C ASP A 88 21.10 -3.12 2.97
N LEU A 89 21.87 -2.41 3.81
CA LEU A 89 22.00 -2.65 5.26
C LEU A 89 21.43 -1.45 6.00
N VAL A 90 21.08 -1.63 7.27
CA VAL A 90 20.70 -0.54 8.18
C VAL A 90 21.71 -0.42 9.33
N ASN A 91 22.16 0.81 9.62
CA ASN A 91 22.99 1.12 10.81
C ASN A 91 22.02 1.21 12.00
N CYS A 92 22.00 0.20 12.90
CA CYS A 92 20.98 0.14 13.99
C CYS A 92 21.09 1.37 14.91
N ARG A 93 22.26 2.00 15.05
CA ARG A 93 22.50 3.09 16.04
C ARG A 93 21.78 4.37 15.63
N ASN A 94 21.68 4.68 14.33
CA ASN A 94 21.13 5.97 13.82
C ASN A 94 20.09 5.77 12.69
N CYS A 95 19.74 4.54 12.29
CA CYS A 95 18.76 4.21 11.22
C CYS A 95 19.22 4.62 9.80
N ALA A 96 20.47 5.05 9.61
CA ALA A 96 21.04 5.30 8.26
C ALA A 96 21.04 4.02 7.40
N ILE A 97 20.79 4.16 6.11
CA ILE A 97 20.78 3.06 5.11
C ILE A 97 22.14 3.02 4.40
N ILE A 98 22.78 1.86 4.37
CA ILE A 98 24.03 1.64 3.57
C ILE A 98 23.55 0.96 2.29
N SER A 99 23.56 1.68 1.16
CA SER A 99 22.96 1.24 -0.13
C SER A 99 23.89 0.40 -0.99
N ASP A 100 23.33 -0.62 -1.61
CA ASP A 100 23.90 -1.31 -2.79
C ASP A 100 25.31 -1.83 -2.47
N VAL A 101 25.47 -2.54 -1.35
CA VAL A 101 26.72 -3.29 -1.05
C VAL A 101 26.48 -4.78 -1.29
N LYS A 102 27.49 -5.62 -1.17
CA LYS A 102 27.41 -7.09 -1.36
C LYS A 102 27.00 -7.75 -0.05
N VAL A 103 26.25 -8.84 -0.15
CA VAL A 103 25.78 -9.53 1.08
C VAL A 103 26.96 -10.13 1.84
N ARG A 104 28.08 -10.50 1.20
CA ARG A 104 29.28 -10.95 1.95
C ARG A 104 29.84 -9.85 2.88
N ASP A 105 29.67 -8.55 2.56
CA ASP A 105 30.18 -7.43 3.41
C ASP A 105 29.48 -7.48 4.77
N PHE A 106 28.21 -7.97 4.80
CA PHE A 106 27.50 -8.22 6.08
C PHE A 106 28.00 -9.52 6.73
N TRP A 107 27.89 -10.66 6.03
CA TRP A 107 28.13 -11.98 6.66
C TRP A 107 29.57 -12.10 7.18
N ASP A 108 30.56 -11.59 6.46
CA ASP A 108 31.97 -11.79 6.91
C ASP A 108 32.29 -11.03 8.21
N GLY A 109 31.51 -10.01 8.63
CA GLY A 109 31.69 -9.36 9.91
C GLY A 109 30.71 -9.87 11.00
N PHE A 110 30.01 -10.96 10.78
CA PHE A 110 28.88 -11.40 11.68
C PHE A 110 29.43 -11.69 13.08
N GLU A 111 30.55 -12.43 13.15
CA GLU A 111 31.21 -12.86 14.41
C GLU A 111 32.58 -12.24 14.59
N ILE A 112 33.26 -11.89 13.51
CA ILE A 112 34.63 -11.29 13.59
C ILE A 112 34.58 -9.77 13.53
N ILE A 113 34.75 -9.08 14.65
CA ILE A 113 34.52 -7.63 14.77
C ILE A 113 35.51 -6.83 13.88
N CYS A 114 36.79 -7.29 13.75
CA CYS A 114 37.89 -6.68 12.91
C CYS A 114 37.48 -6.70 11.42
N LYS A 115 36.38 -7.34 11.00
CA LYS A 115 36.00 -7.36 9.57
C LYS A 115 34.77 -6.49 9.32
N ARG A 116 34.17 -5.89 10.36
CA ARG A 116 32.94 -5.06 10.15
C ARG A 116 33.21 -3.73 9.47
N LEU A 117 32.27 -3.31 8.65
CA LEU A 117 32.20 -1.94 8.10
C LEU A 117 32.23 -0.93 9.25
N ARG A 118 33.00 0.15 9.09
CA ARG A 118 33.24 1.15 10.16
C ARG A 118 32.51 2.43 9.84
N SER A 119 31.99 3.11 10.87
CA SER A 119 31.40 4.46 10.78
C SER A 119 32.55 5.48 10.74
N GLU A 120 32.19 6.73 10.49
CA GLU A 120 33.14 7.89 10.39
C GLU A 120 34.00 7.97 11.65
N ASP A 121 33.40 7.76 12.83
CA ASP A 121 34.08 7.83 14.15
C ASP A 121 35.13 6.72 14.26
N GLY A 122 35.21 5.83 13.26
CA GLY A 122 36.15 4.69 13.22
C GLY A 122 35.73 3.48 14.05
N GLN A 123 34.50 3.41 14.57
CA GLN A 123 34.06 2.22 15.36
C GLN A 123 33.45 1.20 14.39
N PRO A 124 33.46 -0.10 14.74
CA PRO A 124 32.71 -1.04 13.92
C PRO A 124 31.18 -0.80 14.09
N MET A 125 30.43 -0.88 12.99
CA MET A 125 28.96 -0.63 13.04
C MET A 125 28.19 -1.85 13.54
N VAL A 126 27.03 -1.57 14.15
CA VAL A 126 26.01 -2.62 14.44
C VAL A 126 25.00 -2.58 13.30
N LEU A 127 24.97 -3.64 12.47
CA LEU A 127 24.24 -3.63 11.17
C LEU A 127 23.11 -4.67 11.18
N LYS A 128 22.03 -4.35 10.47
CA LYS A 128 20.93 -5.25 10.15
C LYS A 128 20.91 -5.43 8.62
N LEU A 129 20.75 -6.65 8.14
CA LEU A 129 20.60 -6.97 6.70
C LEU A 129 19.12 -6.83 6.33
N LYS A 130 18.81 -5.84 5.51
CA LYS A 130 17.39 -5.50 5.17
C LYS A 130 16.86 -6.43 4.07
N ASP A 131 15.66 -7.00 4.28
CA ASP A 131 14.81 -7.65 3.23
C ASP A 131 15.63 -8.68 2.44
N TRP A 132 16.15 -9.70 3.10
CA TRP A 132 16.99 -10.75 2.48
C TRP A 132 16.69 -12.09 3.13
N PRO A 133 16.40 -13.14 2.35
CA PRO A 133 16.03 -13.03 0.94
C PRO A 133 14.87 -12.06 0.66
N PRO A 134 14.81 -11.40 -0.51
CA PRO A 134 13.83 -10.32 -0.72
C PRO A 134 12.40 -10.85 -0.95
N GLY A 135 11.41 -10.06 -0.51
CA GLY A 135 9.97 -10.35 -0.69
C GLY A 135 9.65 -11.78 -0.30
N GLU A 136 9.12 -12.57 -1.23
CA GLU A 136 8.62 -13.95 -1.01
C GLU A 136 9.62 -14.97 -1.56
N ASP A 137 10.88 -14.60 -1.79
CA ASP A 137 11.85 -15.44 -2.56
C ASP A 137 12.58 -16.51 -1.70
N PHE A 138 12.32 -16.67 -0.39
CA PHE A 138 13.10 -17.61 0.47
C PHE A 138 13.09 -19.02 -0.14
N ARG A 139 11.91 -19.52 -0.46
CA ARG A 139 11.69 -20.90 -0.93
C ARG A 139 12.45 -21.16 -2.26
N ASP A 140 12.36 -20.27 -3.22
CA ASP A 140 13.06 -20.39 -4.53
C ASP A 140 14.59 -20.31 -4.32
N MET A 141 15.07 -19.39 -3.47
CA MET A 141 16.53 -19.15 -3.27
C MET A 141 17.15 -20.27 -2.44
N MET A 142 16.43 -20.81 -1.42
CA MET A 142 16.99 -21.76 -0.45
C MET A 142 16.02 -22.93 -0.21
N PRO A 143 15.78 -23.82 -1.20
CA PRO A 143 14.79 -24.89 -1.04
C PRO A 143 15.11 -25.87 0.09
N THR A 144 16.38 -26.19 0.34
CA THR A 144 16.81 -27.13 1.40
C THR A 144 16.58 -26.51 2.80
N ARG A 145 16.86 -25.22 2.99
CA ARG A 145 16.57 -24.47 4.25
C ARG A 145 15.06 -24.44 4.48
N PHE A 146 14.29 -24.16 3.43
CA PHE A 146 12.81 -24.06 3.48
C PHE A 146 12.24 -25.38 4.00
N GLU A 147 12.63 -26.52 3.40
CA GLU A 147 12.18 -27.87 3.84
C GLU A 147 12.57 -28.09 5.31
N ASP A 148 13.81 -27.78 5.70
CA ASP A 148 14.31 -28.12 7.06
C ASP A 148 13.49 -27.34 8.11
N LEU A 149 13.19 -26.08 7.82
CA LEU A 149 12.42 -25.23 8.77
C LEU A 149 10.97 -25.73 8.79
N MET A 150 10.31 -25.80 7.63
CA MET A 150 8.85 -26.01 7.61
C MET A 150 8.47 -27.37 8.20
N GLU A 151 9.30 -28.42 8.05
CA GLU A 151 9.07 -29.79 8.59
C GLU A 151 9.31 -29.86 10.10
N ASN A 152 9.91 -28.84 10.71
CA ASN A 152 10.27 -28.88 12.15
C ASN A 152 9.61 -27.74 12.96
N LEU A 153 8.71 -26.96 12.37
CA LEU A 153 7.97 -25.92 13.14
C LEU A 153 7.10 -26.61 14.18
N PRO A 154 7.08 -26.09 15.42
CA PRO A 154 6.13 -26.55 16.46
C PRO A 154 4.68 -26.13 16.17
N LEU A 155 3.71 -26.80 16.83
CA LEU A 155 2.24 -26.56 16.68
C LEU A 155 1.90 -26.57 15.19
N PRO A 156 2.25 -27.67 14.48
CA PRO A 156 2.12 -27.67 13.01
C PRO A 156 0.68 -27.54 12.47
N GLU A 157 -0.37 -27.87 13.23
CA GLU A 157 -1.76 -27.65 12.72
C GLU A 157 -2.02 -26.14 12.56
N TYR A 158 -1.41 -25.32 13.41
CA TYR A 158 -1.46 -23.83 13.33
C TYR A 158 -0.43 -23.29 12.31
N THR A 159 0.82 -23.78 12.29
CA THR A 159 1.94 -23.05 11.65
C THR A 159 2.28 -23.53 10.20
N LYS A 160 1.90 -24.72 9.78
CA LYS A 160 2.18 -25.17 8.38
C LYS A 160 1.22 -24.48 7.41
N ARG A 161 1.67 -24.27 6.16
CA ARG A 161 0.91 -23.47 5.16
C ARG A 161 -0.51 -24.04 4.99
N ASP A 162 -0.65 -25.36 5.08
CA ASP A 162 -1.92 -26.11 4.90
C ASP A 162 -2.36 -26.78 6.22
N GLY A 163 -1.86 -26.36 7.40
CA GLY A 163 -2.40 -26.94 8.64
C GLY A 163 -3.90 -26.70 8.76
N ARG A 164 -4.58 -27.61 9.45
CA ARG A 164 -6.04 -27.58 9.69
C ARG A 164 -6.45 -26.32 10.46
N LEU A 165 -5.62 -25.77 11.37
CA LEU A 165 -6.01 -24.57 12.11
C LEU A 165 -5.31 -23.29 11.60
N ASN A 166 -4.79 -23.33 10.37
CA ASN A 166 -4.27 -22.10 9.72
C ASN A 166 -5.27 -21.70 8.64
N LEU A 167 -5.95 -20.59 8.86
CA LEU A 167 -7.00 -20.12 7.92
C LEU A 167 -6.40 -19.29 6.77
N ALA A 168 -5.07 -19.11 6.70
CA ALA A 168 -4.46 -18.20 5.68
C ALA A 168 -4.95 -18.51 4.26
N SER A 169 -5.02 -19.78 3.88
CA SER A 169 -5.35 -20.19 2.49
C SER A 169 -6.86 -20.33 2.28
N ARG A 170 -7.68 -20.04 3.29
CA ARG A 170 -9.13 -20.38 3.33
C ARG A 170 -9.98 -19.10 3.41
N LEU A 171 -9.40 -17.92 3.37
CA LEU A 171 -10.19 -16.71 3.67
C LEU A 171 -10.45 -15.88 2.41
N PRO A 172 -11.61 -15.22 2.31
CA PRO A 172 -11.84 -14.33 1.17
C PRO A 172 -11.17 -12.97 1.41
N SER A 173 -11.32 -12.07 0.42
CA SER A 173 -10.58 -10.79 0.34
C SER A 173 -11.05 -9.77 1.39
N TYR A 174 -12.11 -10.05 2.12
CA TYR A 174 -12.59 -9.29 3.29
C TYR A 174 -11.55 -9.36 4.44
N PHE A 175 -10.55 -10.24 4.32
CA PHE A 175 -9.45 -10.46 5.32
C PHE A 175 -8.10 -10.14 4.67
N VAL A 176 -7.23 -9.43 5.40
CA VAL A 176 -5.81 -9.26 4.98
C VAL A 176 -5.12 -10.60 5.20
N ARG A 177 -4.55 -11.15 4.14
CA ARG A 177 -3.82 -12.42 4.16
C ARG A 177 -2.32 -12.16 4.24
N PRO A 178 -1.55 -12.98 4.99
CA PRO A 178 -0.10 -12.84 4.99
C PRO A 178 0.59 -13.21 3.67
N ASP A 179 1.77 -12.63 3.43
CA ASP A 179 2.64 -12.97 2.27
C ASP A 179 3.04 -14.42 2.44
N LEU A 180 3.47 -15.05 1.35
CA LEU A 180 4.13 -16.38 1.39
C LEU A 180 5.49 -16.21 2.08
N GLY A 181 5.79 -17.08 3.04
CA GLY A 181 6.98 -16.95 3.91
C GLY A 181 7.89 -18.13 3.62
N PRO A 182 8.82 -18.47 4.51
CA PRO A 182 9.15 -17.64 5.67
C PRO A 182 10.01 -16.41 5.30
N LYS A 183 10.30 -15.58 6.31
CA LYS A 183 11.15 -14.35 6.24
C LYS A 183 12.34 -14.53 7.19
N MET A 184 13.54 -14.15 6.74
CA MET A 184 14.77 -14.22 7.54
C MET A 184 15.11 -12.85 8.12
N TYR A 185 15.58 -12.82 9.37
CA TYR A 185 15.90 -11.61 10.15
C TYR A 185 17.34 -11.77 10.69
N ASN A 186 18.29 -11.04 10.08
CA ASN A 186 19.75 -11.20 10.35
C ASN A 186 20.28 -9.84 10.80
N ALA A 187 20.93 -9.78 11.96
CA ALA A 187 21.50 -8.54 12.51
C ALA A 187 22.57 -8.85 13.55
N TYR A 188 23.53 -7.92 13.69
CA TYR A 188 24.58 -7.98 14.71
C TYR A 188 23.99 -7.72 16.10
N GLY A 189 24.73 -8.06 17.15
CA GLY A 189 24.35 -7.71 18.54
C GLY A 189 24.67 -6.29 18.87
N LEU A 190 23.84 -5.64 19.70
CA LEU A 190 24.06 -4.30 20.26
C LEU A 190 25.08 -4.48 21.40
N ILE A 191 25.97 -3.50 21.56
CA ILE A 191 27.26 -3.69 22.28
C ILE A 191 27.36 -2.81 23.53
N THR A 192 27.19 -1.51 23.40
CA THR A 192 27.57 -0.51 24.43
C THR A 192 26.41 -0.20 25.38
N ALA A 193 26.73 0.54 26.46
CA ALA A 193 25.72 1.10 27.39
C ALA A 193 24.74 2.01 26.63
N GLU A 194 25.20 2.90 25.74
CA GLU A 194 24.32 3.74 24.90
C GLU A 194 23.42 2.83 24.01
N ASP A 195 23.94 1.72 23.50
CA ASP A 195 23.17 0.79 22.64
C ASP A 195 21.96 0.22 23.44
N ARG A 196 21.93 0.28 24.78
CA ARG A 196 20.84 -0.36 25.59
C ARG A 196 19.48 0.22 25.19
N ARG A 197 19.42 1.45 24.72
CA ARG A 197 18.16 2.20 24.43
C ARG A 197 17.75 2.08 22.95
N VAL A 198 18.43 1.29 22.13
CA VAL A 198 18.22 1.16 20.67
C VAL A 198 17.55 -0.20 20.40
N GLY A 199 16.68 -0.28 19.39
CA GLY A 199 16.08 -1.56 18.98
C GLY A 199 16.83 -2.13 17.80
N THR A 200 16.79 -3.43 17.65
CA THR A 200 17.13 -4.13 16.40
C THR A 200 15.92 -4.01 15.47
N THR A 201 14.72 -4.31 16.01
CA THR A 201 13.42 -4.05 15.34
C THR A 201 12.59 -3.17 16.29
N ASN A 202 12.19 -1.98 15.85
CA ASN A 202 11.37 -1.05 16.65
C ASN A 202 9.96 -1.63 16.92
N LEU A 203 9.28 -0.99 17.85
CA LEU A 203 7.89 -1.32 18.27
C LEU A 203 6.95 -1.24 17.06
N HIS A 204 6.23 -2.33 16.80
CA HIS A 204 5.26 -2.45 15.67
C HIS A 204 4.25 -3.54 15.97
N LEU A 205 3.25 -3.71 15.08
CA LEU A 205 2.38 -4.89 15.21
C LEU A 205 2.10 -5.46 13.82
N ASP A 206 1.61 -6.70 13.80
CA ASP A 206 1.29 -7.46 12.57
C ASP A 206 -0.18 -7.87 12.70
N VAL A 207 -0.95 -7.88 11.59
CA VAL A 207 -2.37 -8.28 11.68
C VAL A 207 -2.57 -9.80 11.58
N SER A 208 -1.49 -10.55 11.28
N SER A 208 -1.49 -10.53 11.27
CA SER A 208 -1.46 -12.03 11.29
CA SER A 208 -1.44 -12.01 11.28
C SER A 208 -0.64 -12.52 12.49
C SER A 208 -0.72 -12.48 12.56
N ASP A 209 -0.90 -13.76 12.93
CA ASP A 209 -0.08 -14.42 13.96
C ASP A 209 1.32 -14.69 13.37
N ALA A 210 2.32 -14.95 14.21
CA ALA A 210 3.67 -15.33 13.70
C ALA A 210 4.35 -16.29 14.66
N VAL A 211 5.19 -17.16 14.13
CA VAL A 211 6.19 -17.95 14.93
C VAL A 211 7.60 -17.56 14.47
N ASN A 212 8.46 -17.20 15.40
CA ASN A 212 9.83 -16.68 15.13
C ASN A 212 10.84 -17.62 15.78
N VAL A 213 11.67 -18.32 14.97
CA VAL A 213 12.65 -19.32 15.49
C VAL A 213 14.07 -18.76 15.47
N MET A 214 14.79 -18.87 16.57
CA MET A 214 16.24 -18.52 16.67
C MET A 214 17.07 -19.72 16.19
N VAL A 215 17.64 -19.66 14.97
CA VAL A 215 18.33 -20.82 14.33
C VAL A 215 19.85 -20.71 14.53
N TYR A 216 20.40 -19.55 14.89
CA TYR A 216 21.85 -19.37 15.12
C TYR A 216 22.12 -18.15 15.99
N VAL A 217 23.03 -18.28 16.95
CA VAL A 217 23.55 -17.17 17.78
C VAL A 217 25.09 -17.15 17.67
N GLY A 218 25.62 -16.02 17.26
CA GLY A 218 27.06 -15.81 17.08
C GLY A 218 27.56 -14.92 18.18
N ILE A 219 28.36 -15.48 19.07
CA ILE A 219 29.03 -14.71 20.15
C ILE A 219 30.44 -14.37 19.68
N PRO A 220 30.74 -13.08 19.36
CA PRO A 220 31.99 -12.71 18.69
C PRO A 220 33.30 -12.88 19.47
N ILE A 221 34.37 -12.43 18.78
CA ILE A 221 35.82 -12.42 19.12
C ILE A 221 36.45 -11.16 18.49
N GLY A 222 37.43 -10.56 19.19
CA GLY A 222 38.10 -9.31 18.80
C GLY A 222 37.81 -8.22 19.81
N GLU A 223 36.53 -7.89 19.97
CA GLU A 223 35.97 -7.29 21.21
C GLU A 223 35.14 -8.39 21.88
N GLY A 224 35.77 -9.55 22.13
CA GLY A 224 35.23 -10.70 22.87
C GLY A 224 35.76 -10.73 24.29
N ALA A 225 34.85 -10.85 25.27
CA ALA A 225 34.95 -10.46 26.69
C ALA A 225 33.86 -9.42 27.01
N HIS A 226 32.81 -9.38 26.18
CA HIS A 226 31.72 -8.35 26.14
C HIS A 226 30.53 -8.81 27.01
N ASP A 227 30.82 -9.65 28.02
CA ASP A 227 29.85 -10.52 28.74
C ASP A 227 28.94 -9.68 29.65
N GLU A 228 29.47 -8.64 30.31
CA GLU A 228 28.83 -8.04 31.51
C GLU A 228 27.80 -6.96 31.14
N GLU A 229 27.96 -6.26 30.01
CA GLU A 229 26.90 -5.30 29.51
C GLU A 229 25.63 -6.09 29.13
N VAL A 230 25.75 -7.34 28.65
CA VAL A 230 24.62 -8.28 28.36
C VAL A 230 23.84 -8.59 29.66
N LEU A 231 24.46 -8.74 30.84
CA LEU A 231 23.71 -9.04 32.10
C LEU A 231 22.90 -7.83 32.59
N LYS A 232 23.49 -6.63 32.51
N LYS A 232 23.51 -6.64 32.53
CA LYS A 232 22.81 -5.37 32.91
CA LYS A 232 22.85 -5.36 32.88
C LYS A 232 21.66 -5.08 31.94
C LYS A 232 21.62 -5.16 31.97
N THR A 233 21.74 -5.54 30.69
CA THR A 233 20.65 -5.33 29.69
C THR A 233 19.43 -6.23 30.02
N ILE A 234 19.69 -7.48 30.34
CA ILE A 234 18.65 -8.47 30.75
C ILE A 234 17.97 -8.01 32.05
N ASP A 235 18.76 -7.59 33.04
CA ASP A 235 18.25 -7.19 34.38
C ASP A 235 17.35 -5.94 34.25
N GLU A 236 17.86 -4.88 33.64
CA GLU A 236 17.16 -3.60 33.39
C GLU A 236 16.00 -3.83 32.38
N GLY A 237 16.14 -4.85 31.53
CA GLY A 237 15.08 -5.32 30.62
C GLY A 237 13.88 -5.93 31.32
N ASP A 238 13.95 -6.20 32.66
CA ASP A 238 12.80 -6.70 33.49
C ASP A 238 12.65 -8.22 33.36
N ALA A 239 13.70 -8.93 32.96
CA ALA A 239 13.65 -10.40 32.80
C ALA A 239 13.39 -11.05 34.16
N ASP A 240 12.63 -12.14 34.22
CA ASP A 240 12.23 -12.82 35.49
C ASP A 240 13.41 -13.61 36.05
N GLU A 241 13.32 -14.04 37.31
CA GLU A 241 14.46 -14.68 38.02
C GLU A 241 14.74 -16.05 37.41
N VAL A 242 13.73 -16.77 36.93
CA VAL A 242 13.90 -18.12 36.29
C VAL A 242 14.65 -17.98 34.95
N THR A 243 14.38 -16.93 34.16
CA THR A 243 15.11 -16.63 32.90
C THR A 243 16.57 -16.32 33.24
N LYS A 244 16.83 -15.65 34.36
CA LYS A 244 18.24 -15.34 34.76
C LYS A 244 18.98 -16.63 35.17
N GLU A 245 18.26 -17.68 35.56
CA GLU A 245 18.87 -19.01 35.88
C GLU A 245 19.33 -19.72 34.59
N ARG A 246 18.64 -19.57 33.44
CA ARG A 246 19.01 -20.25 32.15
C ARG A 246 20.42 -19.86 31.67
N ILE A 247 20.86 -18.64 31.99
CA ILE A 247 22.24 -18.11 31.70
C ILE A 247 23.26 -18.81 32.60
N HIS A 248 23.15 -18.56 33.92
CA HIS A 248 24.17 -18.89 34.94
C HIS A 248 24.23 -20.41 35.18
N ASP A 249 23.12 -21.15 34.98
CA ASP A 249 22.98 -22.58 35.36
C ASP A 249 23.31 -23.50 34.16
N HIS A 250 22.61 -23.36 33.02
CA HIS A 250 22.61 -24.33 31.87
C HIS A 250 23.56 -23.89 30.74
N LYS A 251 24.07 -22.65 30.79
CA LYS A 251 25.02 -22.04 29.82
C LYS A 251 24.47 -22.06 28.38
N GLU A 252 23.14 -22.06 28.17
CA GLU A 252 22.49 -21.87 26.83
C GLU A 252 22.89 -20.48 26.26
N LYS A 253 22.89 -20.32 24.94
CA LYS A 253 23.29 -19.05 24.25
C LYS A 253 22.09 -18.10 24.12
N PRO A 254 22.05 -16.91 24.78
CA PRO A 254 20.95 -15.95 24.65
C PRO A 254 21.14 -15.11 23.38
N GLY A 255 20.12 -15.06 22.54
CA GLY A 255 20.14 -14.26 21.30
C GLY A 255 19.59 -12.86 21.45
N ALA A 256 18.31 -12.72 21.88
CA ALA A 256 17.58 -11.43 21.76
C ALA A 256 16.60 -11.23 22.92
N LEU A 257 16.50 -9.97 23.34
CA LEU A 257 15.49 -9.52 24.36
C LEU A 257 14.27 -8.94 23.64
N TRP A 258 13.08 -9.52 23.88
CA TRP A 258 11.79 -9.05 23.31
C TRP A 258 10.98 -8.34 24.41
N HIS A 259 10.16 -7.37 24.03
CA HIS A 259 9.02 -6.92 24.88
C HIS A 259 7.78 -7.07 24.02
N ILE A 260 6.75 -7.75 24.54
CA ILE A 260 5.49 -7.97 23.80
C ILE A 260 4.36 -7.44 24.71
N TYR A 261 3.39 -6.80 24.10
CA TYR A 261 2.21 -6.20 24.81
C TYR A 261 0.94 -6.84 24.23
N ALA A 262 -0.10 -6.99 25.08
CA ALA A 262 -1.37 -7.55 24.62
C ALA A 262 -2.02 -6.63 23.55
N ALA A 263 -2.70 -7.23 22.58
CA ALA A 263 -3.39 -6.54 21.49
C ALA A 263 -4.39 -5.53 22.08
N LYS A 264 -4.99 -5.85 23.22
CA LYS A 264 -6.02 -4.97 23.85
C LYS A 264 -5.41 -3.67 24.36
N ASP A 265 -4.07 -3.62 24.55
CA ASP A 265 -3.38 -2.43 25.12
C ASP A 265 -2.75 -1.53 24.04
N ALA A 266 -2.92 -1.85 22.75
CA ALA A 266 -2.26 -1.09 21.65
C ALA A 266 -2.66 0.41 21.70
N GLU A 267 -3.96 0.75 21.89
CA GLU A 267 -4.37 2.19 21.88
C GLU A 267 -3.75 2.95 23.06
N LYS A 268 -3.65 2.36 24.26
CA LYS A 268 -3.02 3.03 25.41
C LYS A 268 -1.53 3.31 25.07
N ILE A 269 -0.86 2.38 24.38
CA ILE A 269 0.55 2.60 23.97
C ILE A 269 0.58 3.76 22.97
N ARG A 270 -0.36 3.83 22.02
CA ARG A 270 -0.41 4.98 21.06
C ARG A 270 -0.57 6.31 21.85
N GLU A 271 -1.40 6.36 22.86
CA GLU A 271 -1.62 7.58 23.68
C GLU A 271 -0.29 7.99 24.33
N LEU A 272 0.45 7.08 24.95
CA LEU A 272 1.76 7.38 25.60
C LEU A 272 2.72 7.97 24.56
N LEU A 273 2.82 7.33 23.39
CA LEU A 273 3.84 7.77 22.39
C LEU A 273 3.43 9.10 21.73
N ARG A 274 2.14 9.40 21.62
CA ARG A 274 1.70 10.76 21.15
C ARG A 274 2.11 11.83 22.17
N LYS A 275 1.95 11.56 23.46
CA LYS A 275 2.35 12.48 24.55
C LYS A 275 3.87 12.65 24.57
N VAL A 276 4.62 11.57 24.43
CA VAL A 276 6.11 11.69 24.43
C VAL A 276 6.60 12.42 23.17
N GLY A 277 6.04 12.14 21.99
CA GLY A 277 6.43 12.82 20.74
C GLY A 277 6.22 14.32 20.87
N GLU A 278 5.14 14.72 21.50
CA GLU A 278 4.79 16.15 21.73
C GLU A 278 5.79 16.75 22.73
N GLU A 279 6.09 16.08 23.84
CA GLU A 279 7.09 16.54 24.83
C GLU A 279 8.45 16.76 24.12
N GLN A 280 8.81 15.92 23.16
CA GLN A 280 10.14 15.96 22.48
C GLN A 280 10.07 16.92 21.29
N GLY A 281 9.00 17.69 21.15
CA GLY A 281 8.87 18.75 20.12
C GLY A 281 8.54 18.22 18.74
N GLN A 282 8.17 16.94 18.58
CA GLN A 282 7.57 16.44 17.30
C GLN A 282 6.23 17.18 17.09
N GLU A 283 5.84 17.44 15.85
CA GLU A 283 4.58 18.18 15.55
C GLU A 283 3.69 17.27 14.71
N ASN A 284 2.92 16.42 15.40
CA ASN A 284 2.13 15.33 14.80
C ASN A 284 0.63 15.64 14.98
N PRO A 285 -0.25 15.27 14.01
CA PRO A 285 -1.70 15.35 14.18
C PRO A 285 -2.24 14.42 15.27
N PRO A 286 -3.36 14.77 15.95
CA PRO A 286 -3.79 14.06 17.16
C PRO A 286 -4.16 12.57 16.95
N ASP A 287 -4.30 12.15 15.69
CA ASP A 287 -4.74 10.77 15.30
C ASP A 287 -3.59 9.97 14.65
N HIS A 288 -2.38 10.53 14.53
CA HIS A 288 -1.29 9.78 13.86
C HIS A 288 -0.98 8.53 14.70
N ASP A 289 -0.45 7.51 14.03
CA ASP A 289 -0.26 6.15 14.64
C ASP A 289 1.22 5.91 14.86
N PRO A 290 1.75 6.09 16.09
CA PRO A 290 3.18 5.87 16.38
C PRO A 290 3.61 4.40 16.34
N ILE A 291 2.66 3.45 16.47
CA ILE A 291 3.03 2.02 16.33
C ILE A 291 3.21 1.72 14.82
N HIS A 292 2.29 2.15 13.94
CA HIS A 292 2.42 1.84 12.48
C HIS A 292 3.71 2.47 11.91
N ASP A 293 4.12 3.62 12.41
CA ASP A 293 5.34 4.37 12.01
C ASP A 293 6.64 3.61 12.28
N GLN A 294 6.65 2.71 13.29
CA GLN A 294 7.78 1.78 13.54
C GLN A 294 9.04 2.61 13.87
N SER A 295 8.86 3.74 14.56
CA SER A 295 9.92 4.73 14.85
C SER A 295 10.34 4.73 16.33
N TRP A 296 9.64 4.01 17.22
CA TRP A 296 9.95 4.02 18.67
C TRP A 296 10.57 2.71 19.16
N TYR A 297 11.49 2.80 20.13
CA TYR A 297 11.92 1.66 20.97
C TYR A 297 11.64 2.04 22.44
N LEU A 298 10.85 1.23 23.16
CA LEU A 298 10.54 1.52 24.58
C LEU A 298 11.74 1.12 25.44
N ASP A 299 12.52 2.10 25.89
CA ASP A 299 13.66 1.90 26.82
C ASP A 299 13.14 1.76 28.26
N GLN A 300 14.02 1.54 29.23
CA GLN A 300 13.63 1.37 30.65
C GLN A 300 12.71 2.52 31.12
N THR A 301 13.05 3.77 30.79
CA THR A 301 12.26 4.97 31.19
C THR A 301 10.83 4.84 30.62
N LEU A 302 10.71 4.54 29.33
CA LEU A 302 9.36 4.52 28.67
C LEU A 302 8.57 3.30 29.16
N ARG A 303 9.22 2.17 29.43
CA ARG A 303 8.48 0.97 29.89
C ARG A 303 7.90 1.27 31.28
N LYS A 304 8.66 1.96 32.13
CA LYS A 304 8.16 2.27 33.50
C LYS A 304 6.98 3.28 33.39
N ARG A 305 7.06 4.26 32.52
CA ARG A 305 6.01 5.28 32.30
C ARG A 305 4.73 4.60 31.77
N LEU A 306 4.87 3.60 30.89
CA LEU A 306 3.69 2.84 30.38
C LEU A 306 2.97 2.14 31.54
N TYR A 307 3.72 1.47 32.43
CA TYR A 307 3.18 0.79 33.63
C TYR A 307 2.52 1.82 34.56
N GLU A 308 3.25 2.86 34.96
CA GLU A 308 2.83 3.76 36.07
C GLU A 308 1.66 4.65 35.61
N GLU A 309 1.75 5.25 34.43
CA GLU A 309 0.85 6.33 33.95
C GLU A 309 -0.37 5.76 33.20
N TYR A 310 -0.27 4.56 32.61
CA TYR A 310 -1.35 3.98 31.77
C TYR A 310 -1.79 2.61 32.28
N GLY A 311 -1.13 2.02 33.29
CA GLY A 311 -1.55 0.73 33.86
C GLY A 311 -1.28 -0.50 32.99
N VAL A 312 -0.30 -0.42 32.08
CA VAL A 312 -0.06 -1.49 31.06
C VAL A 312 1.21 -2.29 31.46
N GLN A 313 1.06 -3.59 31.54
CA GLN A 313 2.16 -4.56 31.80
C GLN A 313 2.39 -5.34 30.51
N GLY A 314 3.63 -5.61 30.20
CA GLY A 314 3.99 -6.52 29.10
C GLY A 314 4.71 -7.78 29.54
N TRP A 315 5.27 -8.47 28.56
CA TRP A 315 6.07 -9.68 28.73
C TRP A 315 7.49 -9.37 28.26
N ALA A 316 8.48 -9.50 29.13
CA ALA A 316 9.92 -9.44 28.78
C ALA A 316 10.42 -10.87 28.54
N ILE A 317 10.89 -11.18 27.31
CA ILE A 317 11.22 -12.58 26.90
C ILE A 317 12.66 -12.61 26.37
N VAL A 318 13.51 -13.46 26.92
CA VAL A 318 14.86 -13.71 26.34
C VAL A 318 14.76 -14.95 25.47
N GLN A 319 14.97 -14.76 24.16
CA GLN A 319 14.96 -15.83 23.14
C GLN A 319 16.39 -16.40 23.00
N PHE A 320 16.57 -17.66 23.43
CA PHE A 320 17.84 -18.42 23.35
C PHE A 320 17.90 -19.16 22.02
N LEU A 321 19.09 -19.65 21.63
CA LEU A 321 19.20 -20.57 20.48
C LEU A 321 18.16 -21.70 20.55
N GLY A 322 17.41 -21.86 19.48
CA GLY A 322 16.36 -22.88 19.32
C GLY A 322 15.03 -22.52 19.95
N ASP A 323 14.89 -21.35 20.55
CA ASP A 323 13.55 -20.94 21.06
C ASP A 323 12.68 -20.41 19.92
N ALA A 324 11.40 -20.80 19.89
CA ALA A 324 10.36 -20.32 18.98
C ALA A 324 9.42 -19.42 19.77
N VAL A 325 9.35 -18.14 19.43
CA VAL A 325 8.40 -17.16 20.04
C VAL A 325 7.13 -17.10 19.18
N PHE A 326 5.97 -17.37 19.78
CA PHE A 326 4.64 -17.21 19.14
C PHE A 326 4.13 -15.81 19.51
N ILE A 327 3.87 -14.95 18.49
CA ILE A 327 3.43 -13.53 18.69
C ILE A 327 1.97 -13.42 18.21
N PRO A 328 0.99 -13.17 19.10
CA PRO A 328 -0.42 -13.06 18.71
C PRO A 328 -0.66 -11.86 17.76
N ALA A 329 -1.55 -12.07 16.77
CA ALA A 329 -2.02 -11.00 15.90
C ALA A 329 -2.44 -9.77 16.70
N GLY A 330 -2.01 -8.58 16.26
CA GLY A 330 -2.37 -7.33 16.94
C GLY A 330 -1.49 -6.94 18.12
N ALA A 331 -0.61 -7.85 18.59
CA ALA A 331 0.22 -7.57 19.79
C ALA A 331 1.42 -6.69 19.44
N PRO A 332 1.53 -5.45 19.99
CA PRO A 332 2.72 -4.61 19.79
C PRO A 332 3.96 -5.31 20.33
N HIS A 333 5.09 -5.31 19.57
CA HIS A 333 6.35 -5.99 20.02
C HIS A 333 7.60 -5.30 19.45
N GLN A 334 8.69 -5.43 20.20
CA GLN A 334 10.03 -4.86 19.85
C GLN A 334 11.10 -5.92 20.17
N VAL A 335 12.25 -5.86 19.49
CA VAL A 335 13.34 -6.87 19.54
C VAL A 335 14.69 -6.12 19.68
N HIS A 336 15.53 -6.58 20.58
CA HIS A 336 16.87 -6.01 20.90
C HIS A 336 17.90 -7.18 20.94
N ASN A 337 18.72 -7.32 19.90
CA ASN A 337 19.72 -8.42 19.82
C ASN A 337 20.85 -8.20 20.85
N LEU A 338 21.10 -9.22 21.64
CA LEU A 338 22.16 -9.23 22.67
C LEU A 338 23.46 -9.66 21.99
N TYR A 339 23.37 -10.65 21.13
CA TYR A 339 24.50 -11.12 20.26
C TYR A 339 24.03 -11.18 18.80
N SER A 340 24.94 -11.52 17.86
CA SER A 340 24.55 -11.62 16.43
C SER A 340 23.56 -12.79 16.24
N CYS A 341 22.43 -12.55 15.56
CA CYS A 341 21.31 -13.52 15.46
C CYS A 341 20.92 -13.79 14.03
N ILE A 342 20.56 -15.03 13.75
CA ILE A 342 19.77 -15.45 12.57
C ILE A 342 18.41 -15.96 13.10
N LYS A 343 17.34 -15.32 12.71
CA LYS A 343 15.95 -15.69 13.05
C LYS A 343 15.20 -16.01 11.78
N VAL A 344 14.30 -16.99 11.80
CA VAL A 344 13.41 -17.31 10.66
C VAL A 344 11.96 -17.33 11.18
N ALA A 345 11.06 -16.62 10.52
CA ALA A 345 9.66 -16.46 11.00
C ALA A 345 8.66 -16.85 9.92
N GLU A 346 7.54 -17.45 10.34
CA GLU A 346 6.41 -17.83 9.44
C GLU A 346 5.14 -17.17 9.98
N ASP A 347 4.39 -16.49 9.12
CA ASP A 347 3.07 -15.94 9.50
C ASP A 347 1.98 -17.01 9.34
N PHE A 348 0.90 -16.90 10.10
CA PHE A 348 -0.27 -17.84 9.98
C PHE A 348 -1.50 -17.11 10.51
N VAL A 349 -2.70 -17.70 10.30
CA VAL A 349 -3.98 -17.07 10.73
C VAL A 349 -4.77 -18.08 11.58
N SER A 350 -4.56 -18.05 12.89
CA SER A 350 -5.32 -18.92 13.80
C SER A 350 -6.79 -18.46 13.87
N PRO A 351 -7.71 -19.40 14.14
CA PRO A 351 -9.11 -19.02 14.32
C PRO A 351 -9.32 -18.12 15.54
N GLU A 352 -8.50 -18.31 16.58
CA GLU A 352 -8.60 -17.54 17.86
C GLU A 352 -8.44 -16.04 17.58
N HIS A 353 -7.71 -15.63 16.53
CA HIS A 353 -7.32 -14.20 16.36
C HIS A 353 -7.69 -13.64 14.97
N VAL A 354 -8.51 -14.34 14.21
CA VAL A 354 -8.92 -13.90 12.85
C VAL A 354 -9.58 -12.52 12.89
N LYS A 355 -10.29 -12.10 13.93
CA LYS A 355 -10.85 -10.71 13.99
C LYS A 355 -9.80 -9.64 13.71
N HIS A 356 -8.52 -9.87 13.99
CA HIS A 356 -7.49 -8.81 13.83
C HIS A 356 -7.23 -8.48 12.37
N CYS A 357 -7.56 -9.34 11.38
CA CYS A 357 -7.25 -9.06 9.95
C CYS A 357 -8.54 -8.75 9.15
N PHE A 358 -9.71 -8.62 9.78
CA PHE A 358 -10.99 -8.36 9.08
C PHE A 358 -11.01 -6.86 8.68
N ARG A 359 -11.47 -6.57 7.46
CA ARG A 359 -11.38 -5.21 6.84
C ARG A 359 -12.56 -4.30 7.25
N LEU A 360 -13.66 -4.83 7.80
CA LEU A 360 -14.82 -3.98 8.21
C LEU A 360 -14.84 -3.79 9.74
N THR A 361 -15.02 -2.53 10.18
CA THR A 361 -15.17 -2.10 11.60
C THR A 361 -16.62 -1.71 11.87
N MET B 23 -24.70 34.26 -30.67
CA MET B 23 -25.50 34.42 -29.44
C MET B 23 -25.51 33.09 -28.65
N THR B 24 -24.81 32.06 -29.13
CA THR B 24 -24.67 30.80 -28.38
C THR B 24 -24.06 31.11 -27.00
N SER B 25 -24.69 30.68 -25.91
CA SER B 25 -24.16 30.90 -24.54
C SER B 25 -22.83 30.14 -24.35
N HIS B 26 -21.77 30.88 -24.02
CA HIS B 26 -20.42 30.35 -23.82
C HIS B 26 -19.59 31.28 -22.95
N SER B 27 -18.49 30.76 -22.45
CA SER B 27 -17.43 31.51 -21.75
C SER B 27 -16.11 30.79 -21.98
N TRP B 28 -14.99 31.40 -21.54
CA TRP B 28 -13.62 30.89 -21.77
C TRP B 28 -12.97 30.75 -20.40
N LEU B 29 -12.43 29.56 -20.10
CA LEU B 29 -11.74 29.30 -18.80
C LEU B 29 -10.27 29.02 -19.09
N CYS B 30 -9.48 28.61 -18.08
CA CYS B 30 -8.04 28.36 -18.25
C CYS B 30 -7.44 29.59 -18.95
N ASP B 31 -7.69 30.80 -18.41
CA ASP B 31 -7.09 32.06 -18.92
C ASP B 31 -7.32 32.20 -20.44
N GLY B 32 -8.56 32.01 -20.90
CA GLY B 32 -8.99 32.16 -22.31
C GLY B 32 -8.78 30.93 -23.21
N ARG B 33 -8.17 29.82 -22.74
CA ARG B 33 -7.74 28.70 -23.65
C ARG B 33 -8.73 27.52 -23.66
N LEU B 34 -9.83 27.56 -22.88
CA LEU B 34 -10.83 26.44 -22.85
C LEU B 34 -12.23 26.95 -23.16
N LEU B 35 -12.86 26.52 -24.26
CA LEU B 35 -14.26 26.81 -24.53
C LEU B 35 -15.17 26.10 -23.53
N CYS B 36 -16.12 26.84 -22.94
CA CYS B 36 -17.18 26.29 -22.07
C CYS B 36 -18.53 26.65 -22.68
N LEU B 37 -19.27 25.69 -23.24
CA LEU B 37 -20.64 25.88 -23.77
C LEU B 37 -21.65 25.59 -22.65
N HIS B 38 -22.65 26.45 -22.45
CA HIS B 38 -23.54 26.40 -21.25
C HIS B 38 -24.96 25.86 -21.53
N ASP B 39 -25.39 25.73 -22.79
CA ASP B 39 -26.70 25.11 -23.13
C ASP B 39 -26.47 23.79 -23.87
N PRO B 40 -26.61 22.62 -23.19
CA PRO B 40 -26.22 21.34 -23.80
C PRO B 40 -27.03 20.95 -25.06
N SER B 41 -28.25 21.48 -25.22
CA SER B 41 -29.19 21.16 -26.33
C SER B 41 -29.23 22.28 -27.40
N ASN B 42 -28.38 23.31 -27.37
CA ASN B 42 -28.41 24.33 -28.45
C ASN B 42 -27.86 23.73 -29.76
N LYS B 43 -28.63 23.72 -30.85
CA LYS B 43 -28.24 23.07 -32.13
C LYS B 43 -27.11 23.88 -32.83
N ASN B 44 -26.79 25.08 -32.37
CA ASN B 44 -25.65 25.88 -32.91
C ASN B 44 -24.33 25.63 -32.14
N ASN B 45 -24.26 24.68 -31.20
CA ASN B 45 -23.02 24.50 -30.37
C ASN B 45 -21.81 24.21 -31.24
N TRP B 46 -21.99 23.58 -32.39
CA TRP B 46 -20.92 23.11 -33.28
C TRP B 46 -20.13 24.32 -33.84
N LYS B 47 -20.77 25.49 -33.90
CA LYS B 47 -20.18 26.66 -34.62
C LYS B 47 -18.83 27.07 -33.99
N ILE B 48 -18.80 27.30 -32.67
CA ILE B 48 -17.56 27.77 -31.96
C ILE B 48 -16.68 26.55 -31.58
N PHE B 49 -17.32 25.41 -31.33
CA PHE B 49 -16.62 24.13 -31.06
C PHE B 49 -15.62 23.73 -32.17
N ARG B 50 -16.00 23.89 -33.46
CA ARG B 50 -15.20 23.39 -34.62
C ARG B 50 -13.75 23.87 -34.59
N GLU B 51 -13.47 25.18 -34.42
CA GLU B 51 -12.07 25.67 -34.50
C GLU B 51 -11.28 25.19 -33.28
N CYS B 52 -11.88 25.16 -32.08
CA CYS B 52 -11.17 24.65 -30.88
C CYS B 52 -10.77 23.18 -31.10
N TRP B 53 -11.70 22.39 -31.62
CA TRP B 53 -11.50 20.94 -31.86
C TRP B 53 -10.47 20.73 -32.98
N LYS B 54 -10.50 21.54 -34.07
CA LYS B 54 -9.42 21.47 -35.11
C LYS B 54 -8.04 21.78 -34.51
N GLN B 55 -7.90 22.71 -33.57
CA GLN B 55 -6.61 23.09 -32.95
C GLN B 55 -6.18 22.05 -31.88
N GLY B 56 -6.97 20.99 -31.67
CA GLY B 56 -6.60 19.89 -30.75
C GLY B 56 -6.87 20.20 -29.28
N GLN B 57 -7.76 21.13 -28.99
CA GLN B 57 -8.12 21.53 -27.61
C GLN B 57 -9.25 20.65 -27.09
N PRO B 58 -9.24 20.30 -25.79
CA PRO B 58 -10.47 19.87 -25.14
C PRO B 58 -11.51 20.99 -25.06
N VAL B 59 -12.77 20.62 -24.90
CA VAL B 59 -13.93 21.52 -24.77
C VAL B 59 -14.81 21.01 -23.62
N LEU B 60 -15.45 21.93 -22.90
CA LEU B 60 -16.40 21.59 -21.80
C LEU B 60 -17.83 22.03 -22.15
N VAL B 61 -18.82 21.20 -21.90
CA VAL B 61 -20.26 21.55 -22.03
C VAL B 61 -20.91 21.32 -20.65
N SER B 62 -21.47 22.36 -20.04
CA SER B 62 -22.10 22.29 -18.72
C SER B 62 -23.61 22.01 -18.87
N GLY B 63 -24.25 21.53 -17.79
CA GLY B 63 -25.71 21.44 -17.67
C GLY B 63 -26.34 20.11 -18.03
N VAL B 64 -25.57 19.05 -18.36
CA VAL B 64 -26.12 17.75 -18.86
C VAL B 64 -26.96 17.07 -17.75
N HIS B 65 -26.63 17.26 -16.48
CA HIS B 65 -27.38 16.71 -15.30
C HIS B 65 -28.84 17.15 -15.31
N LYS B 66 -29.09 18.39 -15.76
CA LYS B 66 -30.46 18.95 -15.81
C LYS B 66 -31.29 18.24 -16.87
N LYS B 67 -30.67 17.58 -17.84
CA LYS B 67 -31.35 16.83 -18.93
C LYS B 67 -31.66 15.37 -18.52
N LEU B 68 -30.99 14.81 -17.51
CA LEU B 68 -31.07 13.36 -17.13
C LEU B 68 -32.20 13.15 -16.08
N LYS B 69 -32.57 11.90 -15.85
CA LYS B 69 -33.44 11.44 -14.73
C LYS B 69 -32.58 11.20 -13.49
N SER B 70 -32.53 12.15 -12.57
CA SER B 70 -31.54 12.15 -11.45
C SER B 70 -31.69 10.87 -10.58
N GLU B 71 -32.89 10.31 -10.43
CA GLU B 71 -33.14 9.09 -9.59
C GLU B 71 -32.42 7.86 -10.18
N LEU B 72 -32.08 7.83 -11.48
CA LEU B 72 -31.35 6.71 -12.12
C LEU B 72 -29.85 6.71 -11.78
N TRP B 73 -29.27 7.82 -11.30
CA TRP B 73 -27.81 8.01 -11.20
C TRP B 73 -27.39 8.17 -9.73
N LYS B 74 -28.12 7.57 -8.79
CA LYS B 74 -27.81 7.68 -7.33
C LYS B 74 -27.09 6.42 -6.84
N PRO B 75 -26.07 6.54 -5.97
CA PRO B 75 -25.37 5.37 -5.42
C PRO B 75 -26.32 4.35 -4.76
N GLU B 76 -27.38 4.82 -4.08
CA GLU B 76 -28.34 3.93 -3.36
C GLU B 76 -29.06 3.03 -4.37
N ALA B 77 -29.42 3.54 -5.55
CA ALA B 77 -30.19 2.81 -6.57
C ALA B 77 -29.29 1.71 -7.16
N PHE B 78 -28.01 1.99 -7.43
CA PHE B 78 -27.05 0.99 -7.97
C PHE B 78 -26.94 -0.17 -6.95
N SER B 79 -26.84 0.17 -5.66
CA SER B 79 -26.69 -0.81 -4.55
C SER B 79 -27.96 -1.68 -4.46
N GLN B 80 -29.16 -1.09 -4.45
CA GLN B 80 -30.43 -1.88 -4.35
C GLN B 80 -30.59 -2.79 -5.57
N GLU B 81 -30.30 -2.31 -6.78
CA GLU B 81 -30.58 -3.04 -8.04
C GLU B 81 -29.54 -4.11 -8.29
N PHE B 82 -28.26 -3.88 -7.96
CA PHE B 82 -27.14 -4.70 -8.51
C PHE B 82 -26.19 -5.19 -7.40
N GLY B 83 -26.53 -4.99 -6.14
CA GLY B 83 -25.56 -5.04 -5.02
C GLY B 83 -25.10 -6.45 -4.63
N ASP B 84 -25.81 -7.51 -5.05
CA ASP B 84 -25.40 -8.91 -4.73
C ASP B 84 -24.50 -9.49 -5.85
N GLN B 85 -24.09 -8.69 -6.84
CA GLN B 85 -23.10 -9.13 -7.86
C GLN B 85 -21.68 -9.17 -7.26
N ASP B 86 -20.84 -10.06 -7.78
CA ASP B 86 -19.43 -10.19 -7.34
C ASP B 86 -18.58 -9.30 -8.25
N VAL B 87 -17.57 -8.66 -7.68
CA VAL B 87 -16.76 -7.68 -8.43
C VAL B 87 -15.34 -7.55 -7.83
N ASP B 88 -14.41 -7.00 -8.59
CA ASP B 88 -13.07 -6.61 -8.06
C ASP B 88 -13.03 -5.09 -7.87
N LEU B 89 -12.33 -4.65 -6.83
CA LEU B 89 -12.02 -3.22 -6.58
C LEU B 89 -10.51 -3.02 -6.66
N VAL B 90 -10.08 -1.77 -6.89
CA VAL B 90 -8.67 -1.35 -6.87
C VAL B 90 -8.48 -0.29 -5.78
N ASN B 91 -7.45 -0.52 -4.94
CA ASN B 91 -6.96 0.45 -3.93
C ASN B 91 -6.14 1.51 -4.68
N CYS B 92 -6.66 2.74 -4.79
CA CYS B 92 -5.99 3.83 -5.57
C CYS B 92 -4.61 4.16 -5.00
N ARG B 93 -4.37 3.97 -3.71
CA ARG B 93 -3.07 4.38 -3.07
C ARG B 93 -1.93 3.43 -3.48
N ASN B 94 -2.18 2.14 -3.67
CA ASN B 94 -1.09 1.16 -3.89
C ASN B 94 -1.33 0.28 -5.13
N CYS B 95 -2.43 0.46 -5.85
CA CYS B 95 -2.82 -0.28 -7.08
C CYS B 95 -3.18 -1.75 -6.78
N ALA B 96 -3.32 -2.14 -5.51
CA ALA B 96 -3.66 -3.55 -5.17
C ALA B 96 -5.10 -3.88 -5.59
N ILE B 97 -5.36 -5.12 -6.02
CA ILE B 97 -6.72 -5.60 -6.37
C ILE B 97 -7.34 -6.27 -5.15
N ILE B 98 -8.54 -5.86 -4.78
CA ILE B 98 -9.35 -6.54 -3.73
C ILE B 98 -10.37 -7.40 -4.49
N SER B 99 -10.14 -8.71 -4.59
CA SER B 99 -10.85 -9.59 -5.55
C SER B 99 -12.12 -10.19 -4.94
N ASP B 100 -13.17 -10.24 -5.75
CA ASP B 100 -14.36 -11.06 -5.45
C ASP B 100 -15.05 -10.61 -4.16
N VAL B 101 -15.42 -9.34 -4.06
CA VAL B 101 -16.34 -8.79 -3.03
C VAL B 101 -17.67 -8.41 -3.69
N LYS B 102 -18.61 -7.89 -2.92
CA LYS B 102 -19.98 -7.57 -3.38
C LYS B 102 -20.03 -6.11 -3.86
N VAL B 103 -20.73 -5.86 -4.96
CA VAL B 103 -20.98 -4.49 -5.50
C VAL B 103 -21.53 -3.62 -4.35
N ARG B 104 -22.40 -4.12 -3.46
CA ARG B 104 -22.94 -3.29 -2.33
C ARG B 104 -21.83 -2.85 -1.35
N ASP B 105 -20.72 -3.60 -1.22
CA ASP B 105 -19.66 -3.15 -0.27
C ASP B 105 -18.91 -1.96 -0.88
N PHE B 106 -18.92 -1.74 -2.19
CA PHE B 106 -18.37 -0.49 -2.79
C PHE B 106 -19.37 0.64 -2.57
N TRP B 107 -20.65 0.46 -2.95
CA TRP B 107 -21.65 1.55 -2.99
C TRP B 107 -22.02 1.99 -1.56
N ASP B 108 -22.05 1.12 -0.56
CA ASP B 108 -22.53 1.53 0.78
C ASP B 108 -21.48 2.39 1.52
N GLY B 109 -20.22 2.42 1.06
CA GLY B 109 -19.17 3.32 1.56
C GLY B 109 -18.90 4.54 0.66
N PHE B 110 -19.73 4.76 -0.36
CA PHE B 110 -19.46 5.84 -1.35
C PHE B 110 -19.38 7.21 -0.66
N GLU B 111 -20.30 7.44 0.28
CA GLU B 111 -20.39 8.75 1.00
C GLU B 111 -20.23 8.59 2.52
N ILE B 112 -20.39 7.39 3.07
CA ILE B 112 -20.21 7.10 4.54
C ILE B 112 -18.85 6.42 4.75
N ILE B 113 -17.86 7.18 5.17
CA ILE B 113 -16.43 6.78 5.24
C ILE B 113 -16.25 5.61 6.25
N CYS B 114 -16.98 5.60 7.37
CA CYS B 114 -16.79 4.55 8.44
C CYS B 114 -17.21 3.16 7.90
N LYS B 115 -18.02 3.09 6.84
CA LYS B 115 -18.53 1.84 6.22
C LYS B 115 -17.53 1.23 5.22
N ARG B 116 -16.42 1.90 4.90
CA ARG B 116 -15.54 1.43 3.81
C ARG B 116 -14.68 0.26 4.25
N LEU B 117 -14.31 -0.61 3.29
CA LEU B 117 -13.22 -1.61 3.49
C LEU B 117 -11.94 -0.88 3.91
N ARG B 118 -11.20 -1.45 4.86
CA ARG B 118 -9.97 -0.86 5.41
C ARG B 118 -8.71 -1.62 5.00
N SER B 119 -7.59 -0.92 4.97
CA SER B 119 -6.24 -1.45 4.70
C SER B 119 -5.63 -1.96 6.04
N GLU B 120 -4.46 -2.55 5.95
CA GLU B 120 -3.67 -3.18 7.06
C GLU B 120 -3.44 -2.14 8.19
N ASP B 121 -3.34 -0.85 7.86
CA ASP B 121 -3.09 0.26 8.83
C ASP B 121 -4.38 0.69 9.55
N GLY B 122 -5.51 0.02 9.32
CA GLY B 122 -6.83 0.35 9.87
C GLY B 122 -7.55 1.52 9.23
N GLN B 123 -6.96 2.15 8.20
CA GLN B 123 -7.55 3.37 7.55
C GLN B 123 -8.59 2.92 6.51
N PRO B 124 -9.68 3.68 6.32
CA PRO B 124 -10.58 3.49 5.18
C PRO B 124 -9.85 3.62 3.84
N MET B 125 -10.07 2.68 2.91
CA MET B 125 -9.38 2.73 1.60
C MET B 125 -10.14 3.69 0.66
N VAL B 126 -9.36 4.30 -0.21
CA VAL B 126 -9.88 5.00 -1.43
C VAL B 126 -9.93 3.97 -2.55
N LEU B 127 -11.14 3.62 -2.97
CA LEU B 127 -11.38 2.48 -3.88
C LEU B 127 -11.98 2.94 -5.23
N LYS B 128 -11.67 2.20 -6.29
CA LYS B 128 -12.47 2.28 -7.54
C LYS B 128 -13.01 0.92 -7.95
N LEU B 129 -14.20 0.94 -8.54
CA LEU B 129 -14.84 -0.28 -9.04
C LEU B 129 -14.23 -0.63 -10.39
N LYS B 130 -13.70 -1.83 -10.56
CA LYS B 130 -13.05 -2.24 -11.81
C LYS B 130 -14.07 -2.92 -12.74
N ASP B 131 -14.06 -2.51 -14.01
CA ASP B 131 -14.73 -3.25 -15.11
C ASP B 131 -16.20 -3.52 -14.74
N TRP B 132 -16.96 -2.47 -14.41
CA TRP B 132 -18.38 -2.60 -14.02
C TRP B 132 -19.24 -1.52 -14.66
N PRO B 133 -20.37 -1.87 -15.34
CA PRO B 133 -20.70 -3.22 -15.76
C PRO B 133 -19.58 -3.81 -16.60
N PRO B 134 -19.38 -5.14 -16.56
CA PRO B 134 -18.24 -5.77 -17.23
C PRO B 134 -18.34 -5.78 -18.76
N GLY B 135 -17.19 -5.64 -19.41
CA GLY B 135 -17.05 -5.70 -20.87
C GLY B 135 -17.97 -4.68 -21.50
N GLU B 136 -18.95 -5.15 -22.30
CA GLU B 136 -19.93 -4.32 -23.06
C GLU B 136 -21.34 -4.64 -22.55
N ASP B 137 -21.47 -5.08 -21.28
CA ASP B 137 -22.81 -5.43 -20.70
C ASP B 137 -23.63 -4.19 -20.29
N PHE B 138 -23.12 -2.96 -20.47
CA PHE B 138 -23.80 -1.74 -19.96
C PHE B 138 -25.20 -1.66 -20.56
N ARG B 139 -25.35 -1.79 -21.88
CA ARG B 139 -26.67 -1.76 -22.54
C ARG B 139 -27.59 -2.86 -21.99
N ASP B 140 -27.09 -4.09 -21.86
CA ASP B 140 -27.93 -5.26 -21.47
C ASP B 140 -28.24 -5.18 -19.98
N MET B 141 -27.31 -4.75 -19.12
CA MET B 141 -27.54 -4.78 -17.66
C MET B 141 -28.40 -3.57 -17.24
N MET B 142 -28.24 -2.43 -17.92
CA MET B 142 -28.82 -1.12 -17.49
C MET B 142 -29.51 -0.42 -18.67
N PRO B 143 -30.53 -1.02 -19.33
CA PRO B 143 -31.14 -0.41 -20.52
C PRO B 143 -31.75 1.01 -20.34
N THR B 144 -32.33 1.30 -19.17
CA THR B 144 -32.97 2.60 -18.90
C THR B 144 -31.90 3.68 -18.70
N ARG B 145 -30.76 3.35 -18.07
CA ARG B 145 -29.58 4.26 -17.95
C ARG B 145 -28.95 4.50 -19.33
N PHE B 146 -28.81 3.47 -20.16
CA PHE B 146 -28.29 3.63 -21.55
C PHE B 146 -29.13 4.65 -22.34
N GLU B 147 -30.46 4.51 -22.34
CA GLU B 147 -31.38 5.41 -23.10
C GLU B 147 -31.28 6.83 -22.53
N ASP B 148 -31.27 6.99 -21.20
CA ASP B 148 -31.21 8.32 -20.54
C ASP B 148 -29.91 9.05 -20.95
N LEU B 149 -28.76 8.38 -20.87
CA LEU B 149 -27.47 8.99 -21.31
C LEU B 149 -27.45 9.28 -22.82
N MET B 150 -27.74 8.30 -23.71
CA MET B 150 -27.52 8.51 -25.18
C MET B 150 -28.43 9.57 -25.76
N GLU B 151 -29.65 9.75 -25.23
CA GLU B 151 -30.61 10.74 -25.76
C GLU B 151 -30.17 12.14 -25.33
N ASN B 152 -29.29 12.27 -24.33
CA ASN B 152 -28.98 13.60 -23.75
C ASN B 152 -27.50 13.96 -23.90
N LEU B 153 -26.74 13.22 -24.69
CA LEU B 153 -25.30 13.55 -24.96
C LEU B 153 -25.25 14.85 -25.74
N PRO B 154 -24.37 15.79 -25.36
CA PRO B 154 -24.18 17.02 -26.12
C PRO B 154 -23.44 16.74 -27.44
N LEU B 155 -23.48 17.71 -28.35
CA LEU B 155 -22.88 17.62 -29.72
C LEU B 155 -23.28 16.25 -30.32
N PRO B 156 -24.60 15.94 -30.36
CA PRO B 156 -25.05 14.62 -30.80
C PRO B 156 -24.67 14.24 -32.25
N GLU B 157 -24.49 15.19 -33.18
CA GLU B 157 -24.05 14.85 -34.56
C GLU B 157 -22.65 14.22 -34.48
N TYR B 158 -21.87 14.48 -33.42
CA TYR B 158 -20.48 13.97 -33.23
C TYR B 158 -20.53 12.70 -32.36
N THR B 159 -21.37 12.69 -31.33
CA THR B 159 -21.26 11.71 -30.19
C THR B 159 -22.22 10.52 -30.33
N LYS B 160 -23.39 10.62 -30.97
CA LYS B 160 -24.31 9.46 -31.09
C LYS B 160 -23.88 8.51 -32.23
N ARG B 161 -24.24 7.22 -32.14
N ARG B 161 -24.27 7.23 -32.14
CA ARG B 161 -23.80 6.21 -33.17
CA ARG B 161 -23.87 6.18 -33.11
C ARG B 161 -24.23 6.64 -34.58
C ARG B 161 -24.26 6.57 -34.55
N ASP B 162 -25.47 7.11 -34.74
CA ASP B 162 -25.98 7.50 -36.09
C ASP B 162 -25.83 9.01 -36.28
N GLY B 163 -24.94 9.67 -35.52
CA GLY B 163 -24.62 11.10 -35.74
C GLY B 163 -24.11 11.32 -37.16
N ARG B 164 -24.52 12.41 -37.79
CA ARG B 164 -24.05 12.80 -39.17
C ARG B 164 -22.51 12.80 -39.26
N LEU B 165 -21.80 13.29 -38.23
CA LEU B 165 -20.33 13.47 -38.27
C LEU B 165 -19.62 12.47 -37.36
N ASN B 166 -20.27 11.42 -36.89
CA ASN B 166 -19.57 10.32 -36.18
C ASN B 166 -19.22 9.25 -37.23
N LEU B 167 -17.93 8.97 -37.42
CA LEU B 167 -17.48 8.01 -38.46
C LEU B 167 -17.30 6.58 -37.90
N ALA B 168 -17.46 6.37 -36.59
CA ALA B 168 -17.09 5.06 -35.95
C ALA B 168 -17.82 3.88 -36.59
N SER B 169 -19.11 3.96 -36.89
CA SER B 169 -19.84 2.75 -37.40
C SER B 169 -19.50 2.45 -38.87
N ARG B 170 -18.90 3.38 -39.61
CA ARG B 170 -18.63 3.26 -41.06
C ARG B 170 -17.20 2.82 -41.35
N LEU B 171 -16.23 3.09 -40.47
CA LEU B 171 -14.80 2.88 -40.80
C LEU B 171 -14.35 1.46 -40.48
N PRO B 172 -13.38 0.95 -41.28
CA PRO B 172 -12.73 -0.33 -40.93
C PRO B 172 -11.92 -0.37 -39.63
N SER B 173 -11.56 -1.57 -39.19
CA SER B 173 -10.89 -1.80 -37.89
C SER B 173 -9.54 -1.11 -37.79
N TYR B 174 -8.88 -0.76 -38.90
CA TYR B 174 -7.56 -0.06 -38.86
C TYR B 174 -7.72 1.43 -38.45
N PHE B 175 -8.96 1.91 -38.24
CA PHE B 175 -9.21 3.29 -37.69
C PHE B 175 -9.82 3.19 -36.29
N VAL B 176 -10.61 2.17 -35.98
CA VAL B 176 -11.51 2.18 -34.79
C VAL B 176 -11.97 0.76 -34.43
N ARG B 177 -12.05 0.49 -33.13
CA ARG B 177 -12.62 -0.77 -32.60
C ARG B 177 -14.10 -0.80 -32.96
N PRO B 178 -14.68 -1.99 -33.28
CA PRO B 178 -16.11 -2.05 -33.61
C PRO B 178 -17.06 -1.95 -32.39
N ASP B 179 -18.32 -1.56 -32.67
CA ASP B 179 -19.47 -1.60 -31.74
C ASP B 179 -19.13 -0.85 -30.43
N LEU B 180 -18.84 0.45 -30.53
CA LEU B 180 -18.54 1.29 -29.33
C LEU B 180 -19.82 1.38 -28.49
N GLY B 181 -19.67 1.35 -27.15
CA GLY B 181 -20.77 1.56 -26.17
C GLY B 181 -20.20 2.28 -24.97
N PRO B 182 -21.05 2.82 -24.09
CA PRO B 182 -20.61 3.60 -22.94
C PRO B 182 -19.93 2.77 -21.86
N LYS B 183 -19.04 3.42 -21.13
CA LYS B 183 -18.31 2.81 -19.97
C LYS B 183 -18.51 3.71 -18.75
N MET B 184 -18.62 3.10 -17.59
CA MET B 184 -18.88 3.81 -16.29
C MET B 184 -17.56 3.90 -15.52
N TYR B 185 -17.25 5.01 -14.87
CA TYR B 185 -16.02 5.19 -14.06
C TYR B 185 -16.47 5.58 -12.64
N ASN B 186 -16.29 4.69 -11.65
CA ASN B 186 -16.90 4.86 -10.30
C ASN B 186 -15.78 4.75 -9.25
N ALA B 187 -15.49 5.80 -8.49
CA ALA B 187 -14.35 5.77 -7.54
C ALA B 187 -14.61 6.76 -6.41
N TYR B 188 -14.06 6.47 -5.22
CA TYR B 188 -14.15 7.38 -4.06
C TYR B 188 -13.27 8.62 -4.32
N GLY B 189 -13.50 9.69 -3.55
CA GLY B 189 -12.57 10.86 -3.49
C GLY B 189 -11.25 10.58 -2.81
N LEU B 190 -10.14 11.13 -3.31
CA LEU B 190 -8.84 11.18 -2.59
C LEU B 190 -8.93 12.23 -1.45
N ILE B 191 -8.23 12.02 -0.32
CA ILE B 191 -8.57 12.69 0.98
C ILE B 191 -7.35 13.40 1.61
N THR B 192 -6.20 12.72 1.72
CA THR B 192 -5.06 13.18 2.56
C THR B 192 -4.11 14.09 1.78
N ALA B 193 -3.19 14.75 2.48
CA ALA B 193 -2.06 15.50 1.88
C ALA B 193 -1.20 14.55 1.03
N GLU B 194 -0.91 13.32 1.50
CA GLU B 194 -0.12 12.34 0.71
C GLU B 194 -0.94 11.94 -0.55
N ASP B 195 -2.27 11.92 -0.46
CA ASP B 195 -3.16 11.58 -1.61
C ASP B 195 -3.04 12.62 -2.74
N ARG B 196 -2.49 13.82 -2.51
CA ARG B 196 -2.45 14.87 -3.57
C ARG B 196 -1.64 14.41 -4.78
N ARG B 197 -0.63 13.54 -4.59
CA ARG B 197 0.28 13.05 -5.63
C ARG B 197 -0.22 11.73 -6.25
N VAL B 198 -1.42 11.26 -5.94
CA VAL B 198 -2.03 10.00 -6.45
C VAL B 198 -3.07 10.37 -7.51
N GLY B 199 -3.19 9.53 -8.53
CA GLY B 199 -4.26 9.60 -9.56
C GLY B 199 -5.42 8.67 -9.24
N THR B 200 -6.65 9.08 -9.53
CA THR B 200 -7.79 8.15 -9.68
C THR B 200 -7.51 7.32 -10.97
N THR B 201 -7.17 8.00 -12.07
CA THR B 201 -6.75 7.37 -13.34
C THR B 201 -5.42 7.99 -13.77
N ASN B 202 -4.37 7.17 -13.89
CA ASN B 202 -3.00 7.64 -14.19
C ASN B 202 -2.97 8.18 -15.62
N LEU B 203 -1.96 8.99 -15.89
CA LEU B 203 -1.68 9.58 -17.21
C LEU B 203 -1.68 8.46 -18.27
N HIS B 204 -2.46 8.67 -19.34
CA HIS B 204 -2.62 7.68 -20.43
C HIS B 204 -3.13 8.43 -21.67
N LEU B 205 -3.19 7.76 -22.81
CA LEU B 205 -3.97 8.31 -23.96
C LEU B 205 -4.95 7.25 -24.47
N ASP B 206 -5.97 7.70 -25.24
CA ASP B 206 -6.99 6.81 -25.87
C ASP B 206 -6.89 6.98 -27.38
N VAL B 207 -7.15 5.90 -28.13
CA VAL B 207 -6.93 5.84 -29.60
C VAL B 207 -8.14 6.42 -30.36
N SER B 208 -9.24 6.77 -29.68
CA SER B 208 -10.40 7.45 -30.31
C SER B 208 -10.67 8.76 -29.60
N ASP B 209 -11.54 9.59 -30.17
CA ASP B 209 -12.14 10.75 -29.47
C ASP B 209 -13.07 10.22 -28.35
N ALA B 210 -13.35 11.03 -27.32
CA ALA B 210 -14.28 10.62 -26.24
C ALA B 210 -14.95 11.84 -25.61
N VAL B 211 -16.12 11.60 -25.03
CA VAL B 211 -16.81 12.56 -24.14
C VAL B 211 -17.04 11.87 -22.80
N ASN B 212 -16.72 12.56 -21.73
CA ASN B 212 -16.84 12.03 -20.34
C ASN B 212 -17.84 12.92 -19.57
N VAL B 213 -18.96 12.36 -19.10
CA VAL B 213 -20.03 13.14 -18.39
C VAL B 213 -20.01 12.83 -16.87
N MET B 214 -19.99 13.85 -16.03
CA MET B 214 -20.11 13.72 -14.55
C MET B 214 -21.59 13.63 -14.22
N VAL B 215 -22.10 12.45 -13.81
CA VAL B 215 -23.57 12.27 -13.57
C VAL B 215 -23.91 12.29 -12.06
N TYR B 216 -22.93 12.13 -11.17
CA TYR B 216 -23.20 12.20 -9.71
C TYR B 216 -21.90 12.55 -8.97
N VAL B 217 -22.02 13.45 -7.96
CA VAL B 217 -20.92 13.81 -7.05
C VAL B 217 -21.42 13.62 -5.59
N GLY B 218 -20.69 12.79 -4.83
CA GLY B 218 -21.03 12.48 -3.41
C GLY B 218 -20.02 13.12 -2.47
N ILE B 219 -20.50 14.03 -1.67
CA ILE B 219 -19.70 14.77 -0.65
C ILE B 219 -20.02 14.18 0.74
N PRO B 220 -19.09 13.44 1.39
CA PRO B 220 -19.31 12.93 2.75
C PRO B 220 -19.41 14.08 3.78
N ILE B 221 -20.18 13.91 4.88
CA ILE B 221 -20.16 14.83 6.07
C ILE B 221 -19.54 14.11 7.27
N ALA B 225 -17.26 18.83 6.80
CA ALA B 225 -16.74 19.58 5.63
C ALA B 225 -15.20 19.63 5.70
N HIS B 226 -14.52 18.62 5.14
CA HIS B 226 -13.03 18.58 4.98
C HIS B 226 -12.68 19.21 3.62
N ASP B 227 -13.17 20.44 3.39
CA ASP B 227 -12.90 21.28 2.18
C ASP B 227 -11.47 21.84 2.24
N GLU B 228 -10.74 21.57 3.33
CA GLU B 228 -9.39 22.14 3.59
C GLU B 228 -8.43 21.65 2.51
N GLU B 229 -8.24 20.33 2.46
CA GLU B 229 -7.31 19.63 1.54
C GLU B 229 -7.80 19.78 0.09
N VAL B 230 -9.12 19.79 -0.12
CA VAL B 230 -9.71 19.98 -1.48
C VAL B 230 -9.34 21.38 -2.02
N LEU B 231 -9.55 22.46 -1.25
CA LEU B 231 -9.24 23.86 -1.73
C LEU B 231 -7.73 24.01 -2.03
N LYS B 232 -6.88 23.40 -1.21
CA LYS B 232 -5.41 23.41 -1.42
C LYS B 232 -5.05 22.58 -2.69
N THR B 233 -5.77 21.49 -2.96
CA THR B 233 -5.48 20.59 -4.12
C THR B 233 -5.83 21.33 -5.44
N ILE B 234 -6.90 22.13 -5.43
CA ILE B 234 -7.40 22.92 -6.61
C ILE B 234 -6.34 23.96 -6.98
N ASP B 235 -5.84 24.64 -5.94
CA ASP B 235 -4.91 25.77 -6.12
C ASP B 235 -3.56 25.28 -6.68
N GLU B 236 -2.91 24.36 -5.98
CA GLU B 236 -1.65 23.69 -6.39
C GLU B 236 -1.85 22.99 -7.75
N GLY B 237 -3.08 22.52 -8.03
CA GLY B 237 -3.50 21.92 -9.31
C GLY B 237 -3.41 22.91 -10.46
N ASP B 238 -3.38 24.23 -10.16
CA ASP B 238 -3.20 25.32 -11.15
C ASP B 238 -4.51 25.63 -11.86
N ALA B 239 -5.66 25.39 -11.22
CA ALA B 239 -6.96 25.89 -11.70
C ALA B 239 -6.89 27.41 -11.83
N ASP B 240 -7.77 28.00 -12.64
CA ASP B 240 -7.80 29.48 -12.87
C ASP B 240 -8.61 30.13 -11.74
N GLU B 241 -8.62 31.47 -11.65
CA GLU B 241 -9.19 32.21 -10.49
C GLU B 241 -10.70 32.12 -10.47
N VAL B 242 -11.36 32.10 -11.62
CA VAL B 242 -12.85 32.05 -11.72
C VAL B 242 -13.31 30.72 -11.09
N THR B 243 -12.56 29.66 -11.35
CA THR B 243 -12.84 28.28 -10.88
C THR B 243 -12.64 28.23 -9.35
N LYS B 244 -11.53 28.76 -8.86
CA LYS B 244 -11.26 28.83 -7.39
C LYS B 244 -12.35 29.61 -6.64
N GLU B 245 -12.68 30.81 -7.11
CA GLU B 245 -13.64 31.71 -6.41
C GLU B 245 -15.03 31.11 -6.59
N ARG B 246 -15.17 30.26 -7.60
CA ARG B 246 -16.46 29.64 -7.98
C ARG B 246 -16.84 28.53 -7.00
N ILE B 247 -15.87 27.88 -6.36
CA ILE B 247 -16.20 26.81 -5.37
C ILE B 247 -16.57 27.47 -4.03
N HIS B 248 -17.05 28.74 -4.06
CA HIS B 248 -17.88 29.38 -2.99
C HIS B 248 -18.62 30.65 -3.47
N ASP B 249 -18.89 30.82 -4.78
CA ASP B 249 -19.66 31.97 -5.35
C ASP B 249 -21.08 31.50 -5.65
N HIS B 250 -21.21 30.27 -6.16
CA HIS B 250 -22.39 29.37 -6.04
C HIS B 250 -22.10 28.40 -4.87
N LYS B 251 -22.86 27.30 -4.77
CA LYS B 251 -22.44 26.06 -4.03
C LYS B 251 -22.56 24.85 -4.97
N GLU B 252 -21.77 24.83 -6.05
CA GLU B 252 -21.77 23.69 -6.99
C GLU B 252 -21.07 22.52 -6.30
N LYS B 253 -21.05 21.39 -6.99
CA LYS B 253 -20.40 20.15 -6.55
C LYS B 253 -19.22 19.88 -7.47
N PRO B 254 -17.99 20.27 -7.09
CA PRO B 254 -16.79 19.90 -7.84
C PRO B 254 -16.44 18.41 -7.68
N GLY B 255 -16.32 17.68 -8.79
CA GLY B 255 -16.12 16.21 -8.74
C GLY B 255 -14.66 15.82 -8.91
N ALA B 256 -13.99 16.28 -9.96
CA ALA B 256 -12.63 15.80 -10.27
C ALA B 256 -11.76 16.89 -10.91
N LEU B 257 -10.47 16.77 -10.68
CA LEU B 257 -9.41 17.64 -11.27
C LEU B 257 -8.72 16.83 -12.37
N TRP B 258 -8.78 17.35 -13.61
CA TRP B 258 -8.13 16.76 -14.80
C TRP B 258 -6.87 17.56 -15.14
N HIS B 259 -5.84 16.92 -15.66
CA HIS B 259 -4.80 17.60 -16.50
C HIS B 259 -4.81 16.94 -17.87
N ILE B 260 -5.01 17.73 -18.93
CA ILE B 260 -5.04 17.27 -20.33
C ILE B 260 -3.93 17.98 -21.09
N TYR B 261 -3.23 17.25 -21.94
CA TYR B 261 -2.12 17.77 -22.81
C TYR B 261 -2.47 17.56 -24.29
N ALA B 262 -2.00 18.46 -25.17
CA ALA B 262 -2.19 18.30 -26.63
C ALA B 262 -1.58 16.98 -27.16
N ALA B 263 -2.23 16.33 -28.12
CA ALA B 263 -1.69 15.12 -28.80
C ALA B 263 -0.27 15.39 -29.33
N LYS B 264 0.00 16.59 -29.83
CA LYS B 264 1.34 16.91 -30.41
C LYS B 264 2.45 16.95 -29.35
N ASP B 265 2.12 17.05 -28.05
CA ASP B 265 3.11 17.15 -26.94
C ASP B 265 3.36 15.79 -26.29
N ALA B 266 2.77 14.69 -26.79
CA ALA B 266 2.93 13.34 -26.18
C ALA B 266 4.42 12.96 -26.11
N GLU B 267 5.19 13.17 -27.17
CA GLU B 267 6.59 12.62 -27.25
C GLU B 267 7.46 13.37 -26.25
N LYS B 268 7.26 14.68 -26.09
CA LYS B 268 8.00 15.50 -25.08
C LYS B 268 7.68 14.98 -23.68
N ILE B 269 6.43 14.57 -23.41
CA ILE B 269 6.08 13.98 -22.08
C ILE B 269 6.82 12.65 -21.94
N ARG B 270 6.92 11.84 -23.01
CA ARG B 270 7.62 10.53 -22.95
C ARG B 270 9.11 10.79 -22.60
N GLU B 271 9.71 11.82 -23.19
CA GLU B 271 11.14 12.19 -22.98
C GLU B 271 11.33 12.51 -21.49
N LEU B 272 10.51 13.40 -20.91
CA LEU B 272 10.58 13.74 -19.47
C LEU B 272 10.51 12.46 -18.63
N LEU B 273 9.51 11.61 -18.84
CA LEU B 273 9.26 10.44 -17.93
C LEU B 273 10.29 9.32 -18.14
N ARG B 274 10.93 9.23 -19.31
CA ARG B 274 12.10 8.31 -19.50
C ARG B 274 13.24 8.80 -18.61
N LYS B 275 13.56 10.10 -18.63
CA LYS B 275 14.63 10.68 -17.77
C LYS B 275 14.27 10.42 -16.29
N VAL B 276 13.13 10.89 -15.83
CA VAL B 276 12.72 10.83 -14.39
C VAL B 276 12.74 9.38 -13.93
N GLY B 277 12.33 8.45 -14.79
CA GLY B 277 12.29 7.00 -14.48
C GLY B 277 13.69 6.46 -14.25
N GLU B 278 14.66 6.97 -15.03
CA GLU B 278 16.10 6.62 -14.96
C GLU B 278 16.69 7.16 -13.65
N GLU B 279 16.31 8.38 -13.26
CA GLU B 279 16.74 9.05 -12.00
C GLU B 279 16.21 8.25 -10.80
N GLN B 280 15.09 7.54 -10.92
CA GLN B 280 14.42 6.89 -9.76
C GLN B 280 14.81 5.40 -9.68
N GLY B 281 15.72 4.92 -10.53
CA GLY B 281 16.19 3.52 -10.48
C GLY B 281 15.86 2.75 -11.74
N GLN B 282 14.62 2.82 -12.21
CA GLN B 282 14.05 1.98 -13.30
C GLN B 282 15.12 1.72 -14.39
N GLU B 283 15.19 0.48 -14.88
CA GLU B 283 16.02 0.07 -16.06
C GLU B 283 15.07 -0.20 -17.22
N ASN B 284 14.93 0.78 -18.12
CA ASN B 284 13.97 0.74 -19.26
C ASN B 284 14.80 0.89 -20.54
N PRO B 285 14.41 0.24 -21.65
CA PRO B 285 15.00 0.54 -22.96
C PRO B 285 14.78 2.00 -23.38
N PRO B 286 15.59 2.56 -24.31
CA PRO B 286 15.42 3.95 -24.74
C PRO B 286 14.11 4.15 -25.53
N ASP B 287 13.49 3.03 -25.97
CA ASP B 287 12.23 2.94 -26.75
C ASP B 287 11.01 3.11 -25.85
N HIS B 288 11.18 2.84 -24.56
CA HIS B 288 10.11 2.58 -23.58
C HIS B 288 9.04 3.69 -23.62
N ASP B 289 7.77 3.31 -23.47
CA ASP B 289 6.60 4.23 -23.60
C ASP B 289 5.94 4.40 -22.23
N PRO B 290 6.31 5.44 -21.45
CA PRO B 290 5.71 5.67 -20.13
C PRO B 290 4.21 6.06 -20.15
N ILE B 291 3.71 6.56 -21.29
CA ILE B 291 2.26 6.89 -21.43
C ILE B 291 1.51 5.56 -21.60
N HIS B 292 1.98 4.67 -22.48
CA HIS B 292 1.44 3.30 -22.65
C HIS B 292 1.44 2.54 -21.32
N ASP B 293 2.47 2.72 -20.47
CA ASP B 293 2.56 2.01 -19.17
C ASP B 293 1.45 2.37 -18.20
N GLN B 294 0.87 3.59 -18.30
CA GLN B 294 -0.20 4.06 -17.39
C GLN B 294 0.26 3.96 -15.92
N SER B 295 1.53 4.22 -15.62
CA SER B 295 2.16 4.03 -14.28
C SER B 295 2.44 5.37 -13.58
N TRP B 296 2.20 6.51 -14.23
CA TRP B 296 2.60 7.87 -13.76
C TRP B 296 1.39 8.75 -13.43
N TYR B 297 1.51 9.53 -12.37
CA TYR B 297 0.64 10.71 -12.13
C TYR B 297 1.53 11.95 -12.03
N LEU B 298 1.32 12.95 -12.89
CA LEU B 298 2.15 14.19 -12.86
C LEU B 298 1.69 15.08 -11.69
N ASP B 299 2.48 15.08 -10.61
CA ASP B 299 2.25 15.91 -9.40
C ASP B 299 2.76 17.33 -9.67
N GLN B 300 2.63 18.23 -8.71
CA GLN B 300 3.05 19.64 -8.90
C GLN B 300 4.51 19.71 -9.38
N THR B 301 5.41 18.90 -8.82
CA THR B 301 6.87 18.96 -9.14
C THR B 301 7.07 18.57 -10.61
N LEU B 302 6.40 17.50 -11.05
CA LEU B 302 6.57 17.01 -12.45
C LEU B 302 5.94 17.99 -13.44
N ARG B 303 4.76 18.54 -13.16
CA ARG B 303 4.08 19.51 -14.06
C ARG B 303 4.97 20.75 -14.25
N LYS B 304 5.57 21.27 -13.18
CA LYS B 304 6.44 22.50 -13.26
C LYS B 304 7.66 22.21 -14.14
N ARG B 305 8.30 21.07 -13.92
CA ARG B 305 9.47 20.56 -14.66
C ARG B 305 9.12 20.33 -16.14
N LEU B 306 7.92 19.79 -16.44
CA LEU B 306 7.43 19.62 -17.85
C LEU B 306 7.43 21.01 -18.51
N TYR B 307 6.84 22.01 -17.87
CA TYR B 307 6.78 23.38 -18.46
C TYR B 307 8.19 23.96 -18.69
N GLU B 308 9.00 23.97 -17.63
N GLU B 308 9.04 23.93 -17.67
CA GLU B 308 10.37 24.54 -17.56
CA GLU B 308 10.35 24.65 -17.68
C GLU B 308 11.25 23.91 -18.66
C GLU B 308 11.33 23.93 -18.63
N GLU B 309 11.40 22.59 -18.60
CA GLU B 309 12.35 21.84 -19.49
C GLU B 309 11.83 21.74 -20.93
N TYR B 310 10.52 21.60 -21.19
CA TYR B 310 10.05 21.25 -22.56
C TYR B 310 9.06 22.26 -23.14
N GLY B 311 8.63 23.28 -22.38
CA GLY B 311 7.70 24.32 -22.89
C GLY B 311 6.24 23.85 -22.88
N VAL B 312 5.94 22.70 -22.26
CA VAL B 312 4.57 22.08 -22.35
C VAL B 312 3.73 22.50 -21.15
N GLN B 313 2.56 23.08 -21.40
CA GLN B 313 1.70 23.72 -20.38
C GLN B 313 0.52 22.81 -19.97
N GLY B 314 -0.31 22.37 -20.90
CA GLY B 314 -1.52 21.56 -20.54
C GLY B 314 -2.68 22.36 -19.94
N TRP B 315 -3.86 21.72 -19.80
CA TRP B 315 -5.11 22.35 -19.34
C TRP B 315 -5.49 21.73 -17.99
N ALA B 316 -5.63 22.52 -16.92
CA ALA B 316 -6.12 22.08 -15.59
C ALA B 316 -7.59 22.41 -15.50
N ILE B 317 -8.43 21.37 -15.49
CA ILE B 317 -9.91 21.46 -15.58
C ILE B 317 -10.54 20.84 -14.32
N VAL B 318 -11.41 21.58 -13.67
CA VAL B 318 -12.33 21.05 -12.64
C VAL B 318 -13.68 20.70 -13.28
N GLN B 319 -14.04 19.41 -13.23
CA GLN B 319 -15.30 18.86 -13.76
C GLN B 319 -16.30 18.86 -12.60
N PHE B 320 -17.31 19.71 -12.69
CA PHE B 320 -18.42 19.74 -11.71
C PHE B 320 -19.54 18.79 -12.15
N LEU B 321 -20.53 18.59 -11.28
CA LEU B 321 -21.75 17.80 -11.62
C LEU B 321 -22.36 18.36 -12.91
N GLY B 322 -22.61 17.48 -13.89
CA GLY B 322 -23.23 17.82 -15.18
C GLY B 322 -22.26 18.28 -16.27
N ASP B 323 -20.98 18.41 -15.97
CA ASP B 323 -19.95 18.86 -16.96
C ASP B 323 -19.54 17.66 -17.85
N ALA B 324 -19.57 17.85 -19.18
CA ALA B 324 -19.06 16.92 -20.20
C ALA B 324 -17.73 17.44 -20.72
N VAL B 325 -16.66 16.65 -20.58
CA VAL B 325 -15.29 16.95 -21.05
C VAL B 325 -15.06 16.17 -22.34
N PHE B 326 -14.79 16.92 -23.42
CA PHE B 326 -14.45 16.35 -24.75
C PHE B 326 -12.93 16.23 -24.83
N ILE B 327 -12.44 15.02 -25.09
CA ILE B 327 -10.98 14.64 -25.09
C ILE B 327 -10.55 14.22 -26.50
N PRO B 328 -9.66 14.99 -27.18
CA PRO B 328 -9.17 14.60 -28.51
C PRO B 328 -8.41 13.26 -28.48
N ALA B 329 -8.62 12.42 -29.50
CA ALA B 329 -7.81 11.19 -29.75
C ALA B 329 -6.30 11.53 -29.56
N GLY B 330 -5.61 10.79 -28.69
CA GLY B 330 -4.15 10.89 -28.55
C GLY B 330 -3.75 11.98 -27.56
N ALA B 331 -4.67 12.75 -26.99
CA ALA B 331 -4.33 13.81 -25.99
C ALA B 331 -4.05 13.07 -24.68
N PRO B 332 -2.81 13.07 -24.15
CA PRO B 332 -2.57 12.45 -22.84
C PRO B 332 -3.33 13.15 -21.70
N HIS B 333 -3.86 12.37 -20.76
CA HIS B 333 -4.66 12.94 -19.67
C HIS B 333 -4.64 12.07 -18.41
N GLN B 334 -4.91 12.72 -17.27
CA GLN B 334 -4.91 12.10 -15.92
C GLN B 334 -6.10 12.66 -15.17
N VAL B 335 -6.67 11.91 -14.21
CA VAL B 335 -7.83 12.35 -13.41
C VAL B 335 -7.58 12.13 -11.90
N HIS B 336 -7.94 13.10 -11.09
CA HIS B 336 -7.84 13.05 -9.60
C HIS B 336 -9.18 13.40 -8.98
N ASN B 337 -9.91 12.41 -8.44
CA ASN B 337 -11.24 12.66 -7.84
C ASN B 337 -11.06 13.48 -6.55
N LEU B 338 -11.81 14.59 -6.46
CA LEU B 338 -11.87 15.46 -5.26
C LEU B 338 -12.88 14.93 -4.26
N TYR B 339 -14.02 14.42 -4.73
CA TYR B 339 -15.09 13.77 -3.95
C TYR B 339 -15.42 12.46 -4.69
N SER B 340 -16.29 11.62 -4.12
CA SER B 340 -16.72 10.38 -4.80
C SER B 340 -17.50 10.77 -6.07
N CYS B 341 -17.19 10.13 -7.19
CA CYS B 341 -17.77 10.48 -8.52
C CYS B 341 -18.34 9.26 -9.24
N ILE B 342 -19.46 9.46 -9.93
CA ILE B 342 -19.97 8.56 -10.99
C ILE B 342 -19.80 9.31 -12.34
N LYS B 343 -18.98 8.79 -13.24
CA LYS B 343 -18.81 9.36 -14.63
C LYS B 343 -19.23 8.31 -15.65
N VAL B 344 -19.75 8.76 -16.83
CA VAL B 344 -20.01 7.85 -17.96
C VAL B 344 -19.37 8.45 -19.20
N ALA B 345 -18.63 7.63 -19.92
CA ALA B 345 -17.88 8.08 -21.13
C ALA B 345 -18.34 7.33 -22.38
N GLU B 346 -18.35 8.01 -23.55
CA GLU B 346 -18.66 7.40 -24.86
C GLU B 346 -17.55 7.76 -25.85
N ASP B 347 -16.96 6.77 -26.52
CA ASP B 347 -15.95 6.95 -27.60
C ASP B 347 -16.66 7.25 -28.94
N PHE B 348 -16.02 8.04 -29.80
CA PHE B 348 -16.55 8.38 -31.15
C PHE B 348 -15.35 8.69 -32.07
N VAL B 349 -15.62 8.91 -33.37
CA VAL B 349 -14.54 9.25 -34.34
C VAL B 349 -14.97 10.48 -35.16
N SER B 350 -14.35 11.65 -34.90
CA SER B 350 -14.64 12.88 -35.69
C SER B 350 -13.80 12.92 -36.97
N PRO B 351 -14.34 13.53 -38.07
CA PRO B 351 -13.55 13.74 -39.27
C PRO B 351 -12.25 14.50 -39.02
N GLU B 352 -12.30 15.47 -38.11
CA GLU B 352 -11.17 16.37 -37.77
C GLU B 352 -9.98 15.51 -37.33
N HIS B 353 -10.21 14.35 -36.67
CA HIS B 353 -9.13 13.57 -36.01
C HIS B 353 -8.96 12.16 -36.63
N VAL B 354 -9.53 11.90 -37.80
CA VAL B 354 -9.50 10.54 -38.41
C VAL B 354 -8.07 10.11 -38.76
N LYS B 355 -7.20 11.02 -39.18
CA LYS B 355 -5.78 10.66 -39.47
C LYS B 355 -5.06 10.19 -38.18
N HIS B 356 -5.23 10.93 -37.09
CA HIS B 356 -4.71 10.60 -35.75
C HIS B 356 -5.21 9.22 -35.32
N CYS B 357 -6.51 8.95 -35.44
CA CYS B 357 -7.11 7.64 -35.08
C CYS B 357 -6.40 6.48 -35.80
N PHE B 358 -6.10 6.60 -37.11
CA PHE B 358 -5.39 5.55 -37.89
C PHE B 358 -3.99 5.32 -37.28
N ARG B 359 -3.25 6.40 -37.04
CA ARG B 359 -1.84 6.30 -36.54
C ARG B 359 -1.85 5.76 -35.11
N LEU B 360 -2.76 6.20 -34.25
CA LEU B 360 -2.82 5.69 -32.85
C LEU B 360 -3.18 4.20 -32.83
N THR B 361 -4.08 3.75 -33.71
CA THR B 361 -4.50 2.35 -33.77
C THR B 361 -3.26 1.51 -34.20
N GLN B 362 -2.55 1.99 -35.21
CA GLN B 362 -1.29 1.33 -35.69
C GLN B 362 -0.32 1.13 -34.49
N GLU B 363 -0.10 2.18 -33.70
CA GLU B 363 0.90 2.21 -32.62
C GLU B 363 0.41 1.29 -31.50
N PHE B 364 -0.91 1.26 -31.22
CA PHE B 364 -1.47 0.38 -30.16
C PHE B 364 -1.17 -1.08 -30.54
N ARG B 365 -1.44 -1.47 -31.79
CA ARG B 365 -1.17 -2.82 -32.33
C ARG B 365 0.33 -3.14 -32.18
N HIS B 366 1.21 -2.20 -32.51
CA HIS B 366 2.69 -2.36 -32.39
C HIS B 366 3.12 -2.59 -30.93
N LEU B 367 2.61 -1.78 -29.99
CA LEU B 367 2.93 -1.87 -28.53
C LEU B 367 2.33 -3.16 -27.96
N SER B 368 1.29 -3.71 -28.58
CA SER B 368 0.56 -4.93 -28.15
C SER B 368 1.51 -6.12 -28.07
N ASN B 369 2.16 -6.46 -29.19
CA ASN B 369 3.01 -7.68 -29.35
C ASN B 369 4.49 -7.26 -29.46
C10 S4D C . -9.96 -5.40 16.75
C13 S4D C . -7.82 -3.61 16.60
C15 S4D C . -8.04 -5.21 19.92
C17 S4D C . -6.85 -4.26 10.90
C01 S4D C . -6.99 -5.05 8.63
C02 S4D C . -7.10 -3.88 9.62
C03 S4D C . -8.61 -3.24 9.67
C04 S4D C . -8.77 -2.66 11.16
C05 S4D C . -7.72 -3.19 11.89
C07 S4D C . -8.27 -3.05 14.17
C08 S4D C . -8.61 -3.84 15.48
C09 S4D C . -9.70 -4.73 15.54
C11 S4D C . -9.14 -5.17 17.90
C12 S4D C . -8.09 -4.29 17.83
N06 S4D C . -8.18 -3.95 13.03
O14 S4D C . -7.43 -4.25 19.09
O16 S4D C . -9.18 -5.69 19.22
CL CL D . -0.68 -28.57 16.52
CL CL E . 19.09 -24.14 0.37
CL CL F . 12.72 -1.36 12.90
CL CL G . -6.87 -10.40 20.71
MN MN H . 6.87 -8.44 13.95
CL CL I . -31.40 0.36 -16.12
MN MN J . -8.91 8.26 -20.97
#